data_1H25
#
_entry.id   1H25
#
_cell.length_a   73.609
_cell.length_b   133.851
_cell.length_c   147.910
_cell.angle_alpha   90.00
_cell.angle_beta   90.00
_cell.angle_gamma   90.00
#
_symmetry.space_group_name_H-M   'P 21 21 21'
#
loop_
_entity.id
_entity.type
_entity.pdbx_description
1 polymer 'CELL DIVISION PROTEIN KINASE 2'
2 polymer 'CYCLIN A2'
3 polymer 'RETINOBLASTOMA-ASSOCIATED PROTEIN'
4 water water
#
loop_
_entity_poly.entity_id
_entity_poly.type
_entity_poly.pdbx_seq_one_letter_code
_entity_poly.pdbx_strand_id
1 'polypeptide(L)'
;GPLGSMENFQKVEKIGEGTYGVVYKARNKLTGEVVALKKIRLDTETEGVPSTAIREISLLKELNHPNIVKLLDVIHTENK
LYLVFEFLHQDLKKFMDASALTGIPLPLIKSYLFQLLQGLAFCHSHRVLHRDLKPQNLLINTEGAIKLADFGLARAFGVP
VRTY(TPO)HEVVTLWYRAPEILLGCKYYSTAVDIWSLGCIFAEMVTRRALFPGDSEIDQLFRIFRTLGTPDEVVWPGVT
SMPDYKPSFPKWARQDFSKVVPPLDEDGRSLLSQMLHYDPNKRISAKAALAHPFFQDVTKPVPHLRL
;
A,C
2 'polypeptide(L)'
;EVPDYHEDIHTYLREMEVKCKPKVGYMKKQPDITNSMRAILVDWLVEVGEEYKLQNETLHLAVNYIDRFLSSMSVLRGKL
QLVGTAAMLLASKFEEIYPPEVAEFVYITDDTYTKKQVLRMEHLVLKVLTFDLAAPTVNQFLTQYFLHQQPANCKVESLA
MFLGELSLIDADPYLKYLPSVIAGAAFHLALYTVTGQSWPESLIRKTGYTLESLKPCLMDLHQTYLKAPQHAQQSIREKY
KNSKYHGVSLLNPPETLNL
;
B,D
3 'polypeptide(L)' PPKPLKKLRFD E
#
# COMPACT_ATOMS: atom_id res chain seq x y z
N SER A 5 15.99 6.67 4.12
CA SER A 5 16.75 6.92 5.40
C SER A 5 17.82 8.01 5.34
N MET A 6 18.18 8.50 6.53
CA MET A 6 19.14 9.58 6.70
C MET A 6 20.39 9.43 5.87
N GLU A 7 20.64 8.24 5.35
CA GLU A 7 21.80 8.00 4.53
C GLU A 7 21.92 9.03 3.41
N ASN A 8 20.82 9.30 2.71
CA ASN A 8 20.91 10.17 1.55
C ASN A 8 20.65 11.64 1.80
N PHE A 9 20.36 12.01 3.05
CA PHE A 9 20.07 13.41 3.32
C PHE A 9 21.27 14.15 3.91
N GLN A 10 21.66 15.23 3.27
CA GLN A 10 22.78 16.05 3.75
C GLN A 10 22.22 17.32 4.33
N LYS A 11 22.26 17.52 5.64
CA LYS A 11 21.72 18.74 6.24
C LYS A 11 22.39 20.00 5.71
N VAL A 12 21.60 21.06 5.51
CA VAL A 12 22.14 22.30 4.98
C VAL A 12 22.07 23.51 5.92
N GLU A 13 21.15 23.49 6.88
CA GLU A 13 21.03 24.58 7.83
C GLU A 13 19.73 24.51 8.63
N LYS A 14 19.72 25.13 9.81
CA LYS A 14 18.56 25.15 10.65
C LYS A 14 17.60 26.15 10.06
N ILE A 15 16.36 25.75 9.87
CA ILE A 15 15.41 26.70 9.32
C ILE A 15 14.25 26.99 10.22
N GLY A 16 14.12 26.26 11.32
CA GLY A 16 13.01 26.50 12.22
C GLY A 16 12.92 25.51 13.35
N GLU A 17 12.02 25.76 14.28
CA GLU A 17 11.86 24.88 15.43
C GLU A 17 10.40 24.48 15.67
N GLY A 18 10.18 23.20 15.93
CA GLY A 18 8.84 22.69 16.15
C GLY A 18 8.61 22.18 17.57
N THR A 19 7.40 22.39 18.04
CA THR A 19 6.94 22.02 19.37
C THR A 19 7.73 20.90 20.03
N TYR A 20 7.92 19.80 19.31
CA TYR A 20 8.65 18.65 19.84
C TYR A 20 10.02 18.43 19.20
N GLY A 21 10.39 19.27 18.22
CA GLY A 21 11.69 19.12 17.59
C GLY A 21 12.37 20.30 16.91
N VAL A 22 13.32 19.96 16.04
CA VAL A 22 14.10 20.92 15.28
C VAL A 22 13.76 20.68 13.84
N VAL A 23 13.83 21.71 13.00
CA VAL A 23 13.57 21.54 11.57
C VAL A 23 14.74 22.03 10.73
N TYR A 24 15.42 21.12 10.04
CA TYR A 24 16.54 21.49 9.18
C TYR A 24 16.19 21.35 7.72
N LYS A 25 16.75 22.23 6.91
CA LYS A 25 16.67 22.13 5.46
C LYS A 25 17.75 21.13 5.12
N ALA A 26 17.49 20.21 4.21
CA ALA A 26 18.46 19.18 3.93
C ALA A 26 18.31 18.73 2.49
N ARG A 27 19.23 17.89 2.00
CA ARG A 27 19.21 17.51 0.58
C ARG A 27 19.39 16.02 0.33
N ASN A 28 18.53 15.50 -0.52
CA ASN A 28 18.61 14.10 -0.89
C ASN A 28 19.74 14.01 -1.89
N LYS A 29 20.80 13.35 -1.49
CA LYS A 29 21.98 13.29 -2.32
C LYS A 29 21.82 12.48 -3.60
N LEU A 30 20.72 11.74 -3.74
CA LEU A 30 20.54 10.95 -4.95
C LEU A 30 19.53 11.56 -5.91
N THR A 31 18.43 12.06 -5.37
CA THR A 31 17.47 12.66 -6.25
C THR A 31 17.84 14.10 -6.40
N GLY A 32 18.37 14.69 -5.32
CA GLY A 32 18.70 16.09 -5.30
C GLY A 32 17.55 16.93 -4.80
N GLU A 33 16.57 16.30 -4.19
CA GLU A 33 15.43 17.05 -3.70
C GLU A 33 15.70 17.77 -2.37
N VAL A 34 15.33 19.03 -2.29
CA VAL A 34 15.53 19.78 -1.06
C VAL A 34 14.34 19.49 -0.17
N VAL A 35 14.56 19.29 1.12
CA VAL A 35 13.44 18.92 1.94
C VAL A 35 13.47 19.57 3.29
N ALA A 36 12.43 19.31 4.08
CA ALA A 36 12.35 19.87 5.40
C ALA A 36 12.25 18.72 6.40
N LEU A 37 13.32 18.43 7.13
CA LEU A 37 13.31 17.35 8.13
C LEU A 37 12.97 17.87 9.52
N LYS A 38 11.81 17.48 9.99
CA LYS A 38 11.35 17.86 11.30
C LYS A 38 11.67 16.68 12.19
N LYS A 39 12.70 16.79 13.01
CA LYS A 39 13.14 15.68 13.83
C LYS A 39 12.26 15.62 15.07
N ILE A 40 12.02 14.43 15.62
CA ILE A 40 11.20 14.28 16.83
C ILE A 40 11.86 13.30 17.78
N ARG A 41 12.38 13.80 18.89
CA ARG A 41 13.14 12.95 19.79
C ARG A 41 12.32 12.01 20.68
N LEU A 42 12.73 10.74 20.67
CA LEU A 42 12.11 9.70 21.48
C LEU A 42 13.11 9.19 22.56
N ASP A 43 12.60 8.75 23.70
CA ASP A 43 13.50 8.34 24.80
C ASP A 43 13.12 7.05 25.51
N THR A 44 11.94 6.53 25.19
CA THR A 44 11.39 5.37 25.89
C THR A 44 11.10 5.79 27.31
N GLU A 45 10.55 4.89 28.12
CA GLU A 45 10.18 5.28 29.47
C GLU A 45 9.46 6.63 29.43
N THR A 46 9.14 7.11 28.22
CA THR A 46 8.48 8.39 28.04
C THR A 46 6.99 8.17 28.07
N GLU A 47 6.30 8.76 27.10
CA GLU A 47 4.88 8.46 26.89
C GLU A 47 4.77 7.93 25.47
N GLY A 48 5.93 7.82 24.81
CA GLY A 48 6.02 7.27 23.47
C GLY A 48 5.96 8.31 22.36
N VAL A 49 5.41 7.90 21.21
CA VAL A 49 5.17 8.77 20.09
C VAL A 49 4.07 9.75 20.53
N PRO A 50 4.42 11.03 20.47
CA PRO A 50 3.55 12.10 20.95
C PRO A 50 2.28 12.17 20.16
N SER A 51 1.16 12.37 20.83
CA SER A 51 -0.09 12.34 20.08
C SER A 51 -0.13 13.41 18.99
N THR A 52 0.40 14.59 19.21
CA THR A 52 0.37 15.51 18.09
C THR A 52 1.13 14.90 16.95
N ALA A 53 2.11 14.06 17.23
CA ALA A 53 2.85 13.52 16.10
C ALA A 53 2.06 12.41 15.44
N ILE A 54 1.20 11.74 16.20
CA ILE A 54 0.44 10.67 15.61
C ILE A 54 -0.66 11.13 14.69
N ARG A 55 -1.24 12.28 15.07
CA ARG A 55 -2.29 12.92 14.26
C ARG A 55 -1.64 13.54 13.04
N GLU A 56 -0.56 14.29 13.27
CA GLU A 56 0.14 14.96 12.15
C GLU A 56 0.38 14.00 11.00
N ILE A 57 1.05 12.90 11.29
CA ILE A 57 1.36 11.91 10.30
C ILE A 57 0.14 11.24 9.75
N SER A 58 -0.72 10.65 10.59
CA SER A 58 -1.87 9.98 9.99
C SER A 58 -2.69 10.96 9.15
N LEU A 59 -2.92 12.15 9.61
CA LEU A 59 -3.80 13.01 8.83
C LEU A 59 -3.06 13.49 7.61
N LEU A 60 -1.85 13.96 7.81
CA LEU A 60 -1.12 14.49 6.69
C LEU A 60 -1.01 13.46 5.58
N LYS A 61 -0.94 12.19 5.93
CA LYS A 61 -0.82 11.19 4.88
C LYS A 61 -2.03 11.16 3.99
N GLU A 62 -3.20 11.55 4.51
CA GLU A 62 -4.46 11.53 3.74
C GLU A 62 -4.64 12.76 2.83
N LEU A 63 -4.04 13.86 3.22
CA LEU A 63 -4.21 15.13 2.52
C LEU A 63 -3.25 15.38 1.41
N ASN A 64 -3.39 14.74 0.27
CA ASN A 64 -2.47 15.17 -0.77
C ASN A 64 -3.18 16.19 -1.61
N HIS A 65 -2.74 17.44 -1.46
CA HIS A 65 -3.28 18.57 -2.18
C HIS A 65 -2.19 19.62 -2.44
N PRO A 66 -2.19 20.28 -3.59
CA PRO A 66 -1.07 21.16 -3.97
C PRO A 66 -1.00 22.37 -3.12
N ASN A 67 -1.98 22.57 -2.28
CA ASN A 67 -1.88 23.69 -1.40
C ASN A 67 -1.81 23.18 0.02
N ILE A 68 -1.67 21.87 0.19
CA ILE A 68 -1.39 21.41 1.54
C ILE A 68 0.07 21.02 1.53
N VAL A 69 0.85 21.48 2.48
CA VAL A 69 2.27 21.06 2.58
C VAL A 69 2.42 19.51 2.50
N LYS A 70 3.41 19.00 1.75
CA LYS A 70 3.45 17.52 1.56
C LYS A 70 4.42 16.69 2.41
N LEU A 71 3.94 15.65 3.10
CA LEU A 71 4.82 14.74 3.87
C LEU A 71 5.32 13.73 2.90
N LEU A 72 6.61 13.69 2.67
CA LEU A 72 7.15 12.75 1.72
C LEU A 72 7.53 11.42 2.34
N ASP A 73 7.91 11.41 3.60
CA ASP A 73 8.35 10.18 4.20
C ASP A 73 8.41 10.32 5.68
N VAL A 74 8.48 9.17 6.33
CA VAL A 74 8.59 9.09 7.76
C VAL A 74 9.60 8.01 8.12
N ILE A 75 10.77 8.42 8.58
CA ILE A 75 11.81 7.47 8.94
C ILE A 75 11.84 7.20 10.42
N HIS A 76 11.84 5.90 10.73
CA HIS A 76 11.85 5.37 12.08
C HIS A 76 13.23 4.99 12.60
N THR A 77 13.32 5.10 13.90
CA THR A 77 14.46 4.57 14.58
C THR A 77 13.87 4.15 15.92
N GLU A 78 14.55 3.23 16.59
CA GLU A 78 14.14 2.86 17.93
C GLU A 78 14.10 4.15 18.74
N ASN A 79 15.03 5.05 18.41
CA ASN A 79 15.28 6.29 19.12
C ASN A 79 14.73 7.57 18.51
N LYS A 80 14.62 7.64 17.20
CA LYS A 80 14.25 8.89 16.59
C LYS A 80 13.15 8.76 15.54
N LEU A 81 12.40 9.83 15.37
CA LEU A 81 11.35 9.83 14.40
C LEU A 81 11.63 11.03 13.50
N TYR A 82 11.82 10.80 12.21
CA TYR A 82 12.10 11.87 11.28
C TYR A 82 10.97 12.03 10.32
N LEU A 83 10.39 13.23 10.30
CA LEU A 83 9.37 13.57 9.33
C LEU A 83 10.07 14.37 8.26
N VAL A 84 9.85 13.98 7.01
CA VAL A 84 10.41 14.64 5.85
C VAL A 84 9.31 15.30 5.01
N PHE A 85 9.27 16.63 4.96
CA PHE A 85 8.26 17.36 4.19
C PHE A 85 8.90 18.07 3.06
N GLU A 86 8.13 18.23 2.00
CA GLU A 86 8.55 19.05 0.87
C GLU A 86 8.99 20.39 1.43
N PHE A 87 9.97 21.03 0.81
CA PHE A 87 10.50 22.24 1.43
C PHE A 87 9.98 23.53 0.80
N LEU A 88 9.72 24.52 1.63
CA LEU A 88 9.27 25.79 1.09
C LEU A 88 10.13 26.85 1.73
N HIS A 89 10.61 27.79 0.93
CA HIS A 89 11.59 28.73 1.43
C HIS A 89 11.09 29.83 2.35
N GLN A 90 9.84 30.27 2.23
CA GLN A 90 9.41 31.28 3.18
C GLN A 90 8.04 30.97 3.74
N ASP A 91 7.63 31.73 4.74
CA ASP A 91 6.30 31.61 5.31
C ASP A 91 5.59 32.99 5.24
N LEU A 92 4.28 33.01 5.01
CA LEU A 92 3.54 34.24 4.78
C LEU A 92 3.87 35.36 5.75
N LYS A 93 4.11 35.01 6.99
CA LYS A 93 4.36 36.05 7.96
C LYS A 93 5.68 36.73 7.59
N LYS A 94 6.73 35.94 7.48
CA LYS A 94 8.00 36.55 7.21
C LYS A 94 7.98 37.34 5.92
N PHE A 95 7.10 36.96 5.00
CA PHE A 95 7.01 37.64 3.72
C PHE A 95 6.35 38.97 3.93
N MET A 96 5.38 38.99 4.83
CA MET A 96 4.69 40.23 5.15
C MET A 96 5.64 41.28 5.79
N ASP A 97 6.60 40.84 6.59
CA ASP A 97 7.57 41.76 7.20
C ASP A 97 8.64 42.11 6.19
N ALA A 98 8.58 41.51 5.01
CA ALA A 98 9.53 41.82 3.96
C ALA A 98 8.83 42.75 2.98
N SER A 99 7.52 42.86 3.17
CA SER A 99 6.67 43.71 2.36
C SER A 99 6.23 44.93 3.15
N ALA A 100 7.04 45.31 4.15
CA ALA A 100 6.72 46.43 5.03
C ALA A 100 6.27 47.65 4.23
N LEU A 101 7.23 48.32 3.59
CA LEU A 101 6.93 49.49 2.79
C LEU A 101 5.89 49.09 1.76
N THR A 102 6.39 48.71 0.59
CA THR A 102 5.53 48.26 -0.50
C THR A 102 4.12 47.86 -0.06
N GLY A 103 4.04 46.76 0.71
CA GLY A 103 2.77 46.18 1.07
C GLY A 103 2.53 44.97 0.19
N ILE A 104 1.36 44.35 0.30
CA ILE A 104 1.08 43.20 -0.56
C ILE A 104 0.14 43.60 -1.67
N PRO A 105 0.59 43.42 -2.90
CA PRO A 105 -0.25 43.67 -4.08
C PRO A 105 -1.55 42.85 -3.99
N LEU A 106 -2.67 43.53 -4.11
CA LEU A 106 -3.98 42.93 -4.05
C LEU A 106 -4.07 41.63 -4.87
N PRO A 107 -3.50 41.62 -6.07
CA PRO A 107 -3.52 40.41 -6.90
C PRO A 107 -2.84 39.25 -6.16
N LEU A 108 -1.78 39.54 -5.42
CA LEU A 108 -1.05 38.52 -4.69
C LEU A 108 -1.88 38.02 -3.51
N ILE A 109 -2.72 38.91 -2.98
CA ILE A 109 -3.58 38.58 -1.88
C ILE A 109 -4.64 37.65 -2.43
N LYS A 110 -5.29 38.12 -3.46
CA LYS A 110 -6.37 37.37 -4.07
C LYS A 110 -5.91 35.95 -4.26
N SER A 111 -4.75 35.79 -4.87
CA SER A 111 -4.22 34.49 -5.23
C SER A 111 -3.93 33.63 -4.04
N TYR A 112 -3.43 34.25 -2.98
CA TYR A 112 -3.04 33.46 -1.84
C TYR A 112 -4.30 32.97 -1.16
N LEU A 113 -5.15 33.93 -0.79
CA LEU A 113 -6.40 33.59 -0.12
C LEU A 113 -7.07 32.52 -0.97
N PHE A 114 -7.03 32.74 -2.28
CA PHE A 114 -7.66 31.74 -3.15
C PHE A 114 -7.06 30.31 -2.93
N GLN A 115 -5.74 30.18 -3.14
CA GLN A 115 -4.98 28.99 -2.84
C GLN A 115 -5.29 28.39 -1.45
N LEU A 116 -5.22 29.18 -0.41
CA LEU A 116 -5.56 28.69 0.89
C LEU A 116 -6.95 28.11 0.93
N LEU A 117 -7.92 28.75 0.27
CA LEU A 117 -9.30 28.26 0.45
C LEU A 117 -9.33 26.93 -0.24
N GLN A 118 -8.59 26.82 -1.32
CA GLN A 118 -8.50 25.52 -1.92
C GLN A 118 -8.03 24.40 -0.93
N GLY A 119 -7.13 24.71 -0.01
CA GLY A 119 -6.51 23.68 0.79
C GLY A 119 -7.34 23.45 2.00
N LEU A 120 -7.95 24.50 2.46
CA LEU A 120 -8.79 24.33 3.61
C LEU A 120 -10.03 23.57 3.18
N ALA A 121 -10.52 23.82 1.98
CA ALA A 121 -11.75 23.11 1.58
C ALA A 121 -11.42 21.66 1.48
N PHE A 122 -10.25 21.34 0.95
CA PHE A 122 -9.77 19.97 0.90
C PHE A 122 -9.73 19.31 2.27
N CYS A 123 -9.18 20.00 3.24
CA CYS A 123 -9.10 19.46 4.57
C CYS A 123 -10.48 19.13 5.08
N HIS A 124 -11.36 20.14 5.00
CA HIS A 124 -12.71 19.95 5.49
C HIS A 124 -13.42 18.85 4.73
N SER A 125 -13.17 18.73 3.44
CA SER A 125 -13.80 17.64 2.70
C SER A 125 -13.23 16.33 3.20
N HIS A 126 -12.21 16.38 4.02
CA HIS A 126 -11.63 15.15 4.49
C HIS A 126 -11.73 15.08 6.01
N ARG A 127 -12.67 15.82 6.56
CA ARG A 127 -12.95 15.67 7.96
C ARG A 127 -11.72 15.92 8.82
N VAL A 128 -10.98 16.97 8.46
CA VAL A 128 -9.83 17.42 9.21
C VAL A 128 -9.98 18.86 9.56
N LEU A 129 -9.67 19.19 10.80
CA LEU A 129 -9.71 20.57 11.31
C LEU A 129 -8.28 20.93 11.56
N HIS A 130 -7.81 22.02 10.98
CA HIS A 130 -6.43 22.38 11.24
C HIS A 130 -6.25 22.95 12.63
N ARG A 131 -7.08 23.93 12.96
CA ARG A 131 -7.09 24.54 14.29
C ARG A 131 -5.87 25.33 14.64
N ASP A 132 -5.13 25.79 13.65
CA ASP A 132 -4.01 26.67 13.97
C ASP A 132 -3.57 27.45 12.76
N LEU A 133 -4.51 27.89 11.95
CA LEU A 133 -4.11 28.68 10.80
C LEU A 133 -3.67 30.04 11.23
N LYS A 134 -2.50 30.47 10.79
CA LYS A 134 -1.97 31.77 11.15
C LYS A 134 -0.76 31.95 10.27
N PRO A 135 -0.35 33.18 10.04
CA PRO A 135 0.75 33.40 9.09
C PRO A 135 2.00 32.54 9.30
N GLN A 136 2.31 32.10 10.52
CA GLN A 136 3.50 31.26 10.72
C GLN A 136 3.38 29.90 10.05
N ASN A 137 2.15 29.43 9.99
CA ASN A 137 1.86 28.15 9.46
C ASN A 137 1.49 28.14 7.97
N LEU A 138 1.67 29.26 7.27
CA LEU A 138 1.32 29.24 5.85
C LEU A 138 2.57 29.43 5.03
N LEU A 139 3.10 28.35 4.44
CA LEU A 139 4.38 28.40 3.74
C LEU A 139 4.22 28.81 2.29
N ILE A 140 5.24 29.44 1.71
CA ILE A 140 5.18 29.94 0.34
C ILE A 140 6.45 29.62 -0.42
N ASN A 141 6.30 29.28 -1.69
CA ASN A 141 7.44 28.90 -2.49
C ASN A 141 7.72 29.93 -3.56
N THR A 142 8.86 29.78 -4.23
CA THR A 142 9.29 30.76 -5.21
C THR A 142 8.36 30.78 -6.42
N GLU A 143 7.66 29.69 -6.71
CA GLU A 143 6.80 29.65 -7.90
C GLU A 143 5.46 30.32 -7.72
N GLY A 144 5.18 30.78 -6.51
CA GLY A 144 3.94 31.45 -6.26
C GLY A 144 2.90 30.64 -5.48
N ALA A 145 3.23 29.40 -5.14
CA ALA A 145 2.30 28.65 -4.33
C ALA A 145 2.26 29.11 -2.88
N ILE A 146 1.11 28.98 -2.24
CA ILE A 146 1.03 29.14 -0.80
C ILE A 146 0.35 27.85 -0.32
N LYS A 147 0.73 27.33 0.84
CA LYS A 147 0.26 26.01 1.25
C LYS A 147 0.05 25.93 2.74
N LEU A 148 -1.02 25.29 3.21
CA LEU A 148 -1.24 25.10 4.63
C LEU A 148 -0.11 24.23 5.23
N ALA A 149 0.36 24.56 6.42
CA ALA A 149 1.37 23.71 7.05
C ALA A 149 1.16 23.55 8.54
N ASP A 150 1.97 22.68 9.16
CA ASP A 150 1.94 22.52 10.60
C ASP A 150 0.63 21.89 11.08
N PHE A 151 0.38 20.62 10.76
CA PHE A 151 -0.79 19.90 11.22
C PHE A 151 -0.66 19.35 12.62
N GLY A 152 0.12 20.05 13.44
CA GLY A 152 0.36 19.60 14.79
C GLY A 152 -0.85 19.65 15.68
N LEU A 153 -1.68 20.67 15.51
CA LEU A 153 -2.78 20.80 16.43
C LEU A 153 -4.05 20.27 15.82
N ALA A 154 -3.92 19.65 14.65
CA ALA A 154 -5.04 19.17 13.87
C ALA A 154 -5.78 17.98 14.42
N ARG A 155 -6.98 17.73 13.88
CA ARG A 155 -7.71 16.56 14.36
C ARG A 155 -8.77 16.05 13.40
N ALA A 156 -9.05 14.76 13.45
CA ALA A 156 -10.05 14.21 12.56
C ALA A 156 -11.40 14.45 13.22
N PHE A 157 -12.41 14.97 12.54
CA PHE A 157 -13.67 15.27 13.24
C PHE A 157 -14.74 14.33 12.83
N GLY A 158 -15.86 14.25 13.53
CA GLY A 158 -16.91 13.34 13.06
C GLY A 158 -18.18 14.12 12.70
N VAL A 159 -19.15 13.48 12.05
CA VAL A 159 -20.37 14.17 11.72
C VAL A 159 -21.50 13.49 12.46
N PRO A 160 -22.26 14.20 13.31
CA PRO A 160 -21.95 15.58 13.71
C PRO A 160 -20.71 15.53 14.60
N VAL A 161 -20.18 16.68 14.98
CA VAL A 161 -18.95 16.67 15.71
C VAL A 161 -19.23 16.42 17.13
N ARG A 162 -18.17 16.13 17.87
CA ARG A 162 -18.29 15.93 19.30
C ARG A 162 -17.60 17.11 19.94
N THR A 163 -17.68 17.19 21.25
CA THR A 163 -16.95 18.19 22.05
C THR A 163 -15.50 17.83 21.98
N TYR A 164 -14.68 18.76 21.45
CA TYR A 164 -13.27 18.50 21.23
C TYR A 164 -12.33 19.28 22.11
N TPO A 165 -11.00 19.48 22.06
CA TPO A 165 -10.16 20.04 23.12
CB TPO A 165 -8.70 19.92 22.67
CG2 TPO A 165 -7.78 20.64 23.67
OG1 TPO A 165 -8.27 18.55 22.56
P TPO A 165 -8.05 17.88 21.13
O1P TPO A 165 -8.12 16.20 21.39
O2P TPO A 165 -9.34 18.35 20.17
O3P TPO A 165 -6.62 18.36 20.37
C TPO A 165 -10.61 21.49 23.40
O TPO A 165 -11.10 21.96 22.12
N HIS A 166 -10.69 22.26 24.54
CA HIS A 166 -11.30 23.60 24.26
C HIS A 166 -10.22 24.63 24.06
N GLU A 167 -9.02 24.24 24.43
CA GLU A 167 -7.95 25.21 24.45
C GLU A 167 -7.32 25.18 23.10
N VAL A 168 -7.99 25.83 22.13
CA VAL A 168 -7.59 25.71 20.73
C VAL A 168 -7.42 27.00 19.88
N VAL A 169 -6.39 26.96 19.04
CA VAL A 169 -6.10 28.02 18.09
C VAL A 169 -5.38 29.16 18.79
N THR A 170 -4.25 29.58 18.21
CA THR A 170 -3.55 30.78 18.66
C THR A 170 -4.58 31.83 18.85
N LEU A 171 -4.46 32.52 19.98
CA LEU A 171 -5.37 33.53 20.43
C LEU A 171 -5.80 34.55 19.34
N TRP A 172 -4.83 35.12 18.67
CA TRP A 172 -5.18 36.16 17.76
C TRP A 172 -6.14 35.72 16.67
N TYR A 173 -6.16 34.41 16.38
CA TYR A 173 -6.94 33.88 15.26
C TYR A 173 -8.09 33.03 15.76
N ARG A 174 -8.29 33.05 17.07
CA ARG A 174 -9.30 32.19 17.67
C ARG A 174 -10.71 32.73 17.43
N ALA A 175 -11.61 31.85 17.02
CA ALA A 175 -12.99 32.23 16.75
C ALA A 175 -13.83 32.44 17.99
N PRO A 176 -14.85 33.28 17.86
CA PRO A 176 -15.67 33.69 19.01
C PRO A 176 -16.30 32.50 19.67
N GLU A 177 -16.69 31.51 18.89
CA GLU A 177 -17.38 30.39 19.49
C GLU A 177 -16.51 29.58 20.43
N ILE A 178 -15.19 29.66 20.28
CA ILE A 178 -14.30 28.93 21.20
C ILE A 178 -14.04 29.82 22.40
N LEU A 179 -13.93 31.14 22.16
CA LEU A 179 -13.64 32.04 23.25
C LEU A 179 -14.85 32.10 24.15
N LEU A 180 -16.02 31.80 23.61
CA LEU A 180 -17.24 31.83 24.39
C LEU A 180 -17.62 30.44 24.94
N GLY A 181 -16.68 29.49 24.89
CA GLY A 181 -16.84 28.19 25.51
C GLY A 181 -17.88 27.21 24.99
N CYS A 182 -18.40 27.47 23.80
CA CYS A 182 -19.43 26.57 23.29
C CYS A 182 -18.96 25.11 23.21
N LYS A 183 -19.88 24.19 23.46
CA LYS A 183 -19.44 22.80 23.60
C LYS A 183 -19.12 22.17 22.27
N TYR A 184 -19.47 22.85 21.19
CA TYR A 184 -19.25 22.28 19.87
C TYR A 184 -18.58 23.30 19.00
N TYR A 185 -17.57 22.87 18.26
CA TYR A 185 -17.06 23.68 17.17
C TYR A 185 -16.64 22.78 16.02
N SER A 186 -16.60 23.32 14.79
CA SER A 186 -16.32 22.53 13.62
C SER A 186 -15.50 23.35 12.61
N THR A 187 -15.60 23.01 11.31
CA THR A 187 -14.80 23.72 10.30
C THR A 187 -14.84 25.24 10.36
N ALA A 188 -15.94 25.81 10.84
CA ALA A 188 -16.08 27.27 10.82
C ALA A 188 -14.93 28.01 11.56
N VAL A 189 -14.31 27.34 12.54
CA VAL A 189 -13.23 27.98 13.28
C VAL A 189 -11.96 28.15 12.48
N ASP A 190 -11.80 27.41 11.39
CA ASP A 190 -10.67 27.58 10.49
C ASP A 190 -10.91 28.78 9.50
N ILE A 191 -12.17 28.95 9.08
CA ILE A 191 -12.52 30.09 8.25
C ILE A 191 -12.28 31.45 9.00
N TRP A 192 -12.78 31.56 10.23
CA TRP A 192 -12.48 32.73 11.08
C TRP A 192 -11.02 33.09 10.90
N SER A 193 -10.20 32.09 11.13
CA SER A 193 -8.77 32.22 11.08
C SER A 193 -8.36 32.70 9.74
N LEU A 194 -8.81 32.04 8.68
CA LEU A 194 -8.45 32.53 7.37
C LEU A 194 -8.93 33.99 7.25
N GLY A 195 -10.13 34.30 7.73
CA GLY A 195 -10.58 35.67 7.68
C GLY A 195 -9.57 36.64 8.31
N CYS A 196 -9.27 36.42 9.56
CA CYS A 196 -8.31 37.33 10.16
C CYS A 196 -7.11 37.45 9.23
N ILE A 197 -6.72 36.35 8.60
CA ILE A 197 -5.48 36.41 7.87
C ILE A 197 -5.63 37.21 6.61
N PHE A 198 -6.85 37.19 6.09
CA PHE A 198 -7.14 37.87 4.84
C PHE A 198 -6.98 39.32 5.25
N ALA A 199 -7.69 39.72 6.27
CA ALA A 199 -7.54 41.09 6.72
C ALA A 199 -6.06 41.39 6.80
N GLU A 200 -5.33 40.52 7.47
CA GLU A 200 -3.93 40.74 7.74
C GLU A 200 -3.07 40.88 6.51
N MET A 201 -3.38 40.21 5.43
CA MET A 201 -2.53 40.36 4.24
C MET A 201 -2.76 41.74 3.64
N VAL A 202 -3.90 42.34 3.99
CA VAL A 202 -4.32 43.61 3.47
C VAL A 202 -3.61 44.75 4.11
N THR A 203 -3.86 44.95 5.41
CA THR A 203 -3.31 46.08 6.17
C THR A 203 -1.98 45.73 6.78
N ARG A 204 -1.48 44.55 6.46
CA ARG A 204 -0.25 44.02 7.04
C ARG A 204 -0.20 44.18 8.56
N ARG A 205 -1.28 43.90 9.27
CA ARG A 205 -1.24 44.07 10.71
C ARG A 205 -2.32 43.17 11.28
N ALA A 206 -2.14 42.62 12.47
CA ALA A 206 -3.17 41.72 12.96
C ALA A 206 -4.51 42.44 13.09
N LEU A 207 -5.59 41.71 12.96
CA LEU A 207 -6.92 42.27 13.04
C LEU A 207 -7.50 42.25 14.46
N PHE A 208 -7.11 41.26 15.28
CA PHE A 208 -7.66 41.13 16.63
C PHE A 208 -6.55 40.72 17.63
N PRO A 209 -5.56 41.60 17.78
CA PRO A 209 -4.38 41.27 18.57
C PRO A 209 -4.60 41.28 20.08
N GLY A 210 -5.44 40.44 20.63
CA GLY A 210 -5.67 40.50 22.08
C GLY A 210 -4.60 39.80 22.89
N ASP A 211 -4.66 39.95 24.22
CA ASP A 211 -3.66 39.32 25.10
C ASP A 211 -4.27 38.46 26.20
N SER A 212 -5.58 38.28 26.15
CA SER A 212 -6.27 37.41 27.09
C SER A 212 -7.52 37.01 26.35
N GLU A 213 -8.25 36.05 26.91
CA GLU A 213 -9.45 35.63 26.23
C GLU A 213 -10.46 36.75 26.22
N ILE A 214 -10.60 37.44 27.37
CA ILE A 214 -11.60 38.47 27.44
C ILE A 214 -11.22 39.68 26.57
N ASP A 215 -9.93 39.99 26.51
CA ASP A 215 -9.44 41.07 25.66
C ASP A 215 -9.76 40.71 24.20
N GLN A 216 -9.53 39.45 23.84
CA GLN A 216 -9.80 38.98 22.49
C GLN A 216 -11.27 39.16 22.11
N LEU A 217 -12.18 38.84 23.03
CA LEU A 217 -13.62 38.97 22.80
C LEU A 217 -14.05 40.41 22.52
N PHE A 218 -13.63 41.31 23.41
CA PHE A 218 -13.98 42.71 23.33
C PHE A 218 -13.37 43.37 22.07
N ARG A 219 -12.28 42.85 21.56
CA ARG A 219 -11.71 43.39 20.32
C ARG A 219 -12.57 42.94 19.12
N ILE A 220 -13.08 41.73 19.17
CA ILE A 220 -13.98 41.28 18.11
C ILE A 220 -15.27 42.09 18.22
N PHE A 221 -15.79 42.26 19.44
CA PHE A 221 -17.08 42.96 19.58
C PHE A 221 -16.91 44.41 19.12
N ARG A 222 -15.76 44.99 19.33
CA ARG A 222 -15.68 46.39 18.96
C ARG A 222 -15.62 46.62 17.48
N THR A 223 -15.16 45.61 16.73
CA THR A 223 -15.03 45.69 15.28
C THR A 223 -16.31 45.26 14.61
N LEU A 224 -16.97 44.23 15.15
CA LEU A 224 -18.06 43.69 14.42
C LEU A 224 -19.38 43.76 15.15
N GLY A 225 -19.33 44.23 16.40
CA GLY A 225 -20.51 44.38 17.22
C GLY A 225 -20.69 43.33 18.30
N THR A 226 -21.08 43.75 19.50
CA THR A 226 -21.38 42.78 20.50
C THR A 226 -22.53 42.06 19.84
N PRO A 227 -22.47 40.75 19.80
CA PRO A 227 -23.57 39.97 19.21
C PRO A 227 -24.76 39.80 20.16
N ASP A 228 -25.95 39.62 19.60
CA ASP A 228 -27.19 39.34 20.32
C ASP A 228 -27.96 38.21 19.61
N GLU A 229 -29.05 37.80 20.24
CA GLU A 229 -29.82 36.67 19.76
C GLU A 229 -30.26 36.88 18.34
N VAL A 230 -30.38 38.15 17.93
CA VAL A 230 -30.84 38.37 16.57
C VAL A 230 -29.73 37.95 15.68
N VAL A 231 -28.61 38.60 15.83
CA VAL A 231 -27.46 38.32 15.01
C VAL A 231 -26.95 36.88 15.20
N TRP A 232 -27.03 36.36 16.41
CA TRP A 232 -26.48 35.02 16.70
C TRP A 232 -27.33 34.28 17.72
N PRO A 233 -28.35 33.56 17.28
CA PRO A 233 -29.25 32.87 18.19
C PRO A 233 -28.46 31.92 19.09
N GLY A 234 -28.83 31.85 20.38
CA GLY A 234 -28.13 31.02 21.33
C GLY A 234 -27.01 31.69 22.16
N VAL A 235 -26.39 32.74 21.63
CA VAL A 235 -25.23 33.32 22.27
C VAL A 235 -25.42 33.59 23.72
N THR A 236 -26.54 34.24 24.07
CA THR A 236 -26.66 34.73 25.43
C THR A 236 -26.69 33.57 26.38
N SER A 237 -26.93 32.37 25.85
CA SER A 237 -26.98 31.20 26.69
C SER A 237 -25.62 30.48 26.68
N MET A 238 -24.67 30.96 25.90
CA MET A 238 -23.36 30.30 25.80
C MET A 238 -22.57 30.31 27.13
N PRO A 239 -21.74 29.30 27.36
CA PRO A 239 -21.02 29.14 28.63
C PRO A 239 -20.21 30.30 29.14
N ASP A 240 -19.36 30.90 28.33
CA ASP A 240 -18.58 32.02 28.80
C ASP A 240 -19.18 33.35 28.39
N TYR A 241 -20.45 33.37 28.00
CA TYR A 241 -21.07 34.65 27.68
C TYR A 241 -21.51 35.30 28.97
N LYS A 242 -21.44 36.63 29.02
CA LYS A 242 -21.81 37.38 30.22
C LYS A 242 -22.69 38.60 29.90
N PRO A 243 -23.79 38.75 30.63
CA PRO A 243 -24.67 39.90 30.49
C PRO A 243 -23.99 41.24 30.73
N SER A 244 -22.92 41.27 31.50
CA SER A 244 -22.21 42.52 31.67
C SER A 244 -21.37 42.87 30.43
N PHE A 245 -21.29 42.00 29.45
CA PHE A 245 -20.56 42.36 28.24
C PHE A 245 -21.01 43.72 27.69
N PRO A 246 -20.12 44.69 27.58
CA PRO A 246 -20.43 45.96 26.90
C PRO A 246 -21.11 45.73 25.57
N LYS A 247 -22.10 46.53 25.18
CA LYS A 247 -22.77 46.33 23.89
C LYS A 247 -22.37 47.33 22.83
N TRP A 248 -21.25 47.12 22.16
CA TRP A 248 -20.75 48.06 21.20
C TRP A 248 -21.49 47.94 19.92
N ALA A 249 -21.53 49.06 19.20
CA ALA A 249 -22.22 49.13 17.94
C ALA A 249 -21.35 48.46 16.91
N ARG A 250 -21.92 47.99 15.81
CA ARG A 250 -21.13 47.41 14.74
C ARG A 250 -20.61 48.54 13.82
N GLN A 251 -19.36 48.38 13.41
CA GLN A 251 -18.64 49.29 12.55
C GLN A 251 -19.02 49.10 11.08
N ASP A 252 -19.21 50.22 10.37
CA ASP A 252 -19.35 50.19 8.93
C ASP A 252 -18.16 49.33 8.49
N PHE A 253 -18.43 48.12 8.05
CA PHE A 253 -17.39 47.20 7.56
C PHE A 253 -16.30 47.79 6.61
N SER A 254 -16.61 48.84 5.86
CA SER A 254 -15.59 49.50 5.05
C SER A 254 -14.49 50.16 5.86
N LYS A 255 -14.65 50.23 7.17
CA LYS A 255 -13.63 50.82 8.03
C LYS A 255 -12.72 49.75 8.68
N VAL A 256 -13.18 48.51 8.66
CA VAL A 256 -12.40 47.51 9.31
C VAL A 256 -11.24 47.22 8.41
N VAL A 257 -11.44 47.33 7.11
CA VAL A 257 -10.33 47.12 6.15
C VAL A 257 -10.40 48.10 4.99
N PRO A 258 -10.07 49.32 5.31
CA PRO A 258 -10.22 50.43 4.36
C PRO A 258 -9.80 50.18 2.92
N PRO A 259 -8.67 49.55 2.61
CA PRO A 259 -8.30 49.29 1.20
C PRO A 259 -9.18 48.32 0.38
N LEU A 260 -10.06 47.58 1.03
CA LEU A 260 -10.88 46.56 0.34
C LEU A 260 -11.98 47.11 -0.55
N ASP A 261 -12.17 46.47 -1.70
CA ASP A 261 -13.25 46.82 -2.59
C ASP A 261 -14.54 46.20 -2.08
N GLU A 262 -15.58 46.27 -2.89
CA GLU A 262 -16.85 45.73 -2.45
C GLU A 262 -16.86 44.18 -2.26
N ASP A 263 -16.10 43.45 -3.05
CA ASP A 263 -16.22 42.01 -2.99
C ASP A 263 -15.40 41.54 -1.82
N GLY A 264 -14.19 42.07 -1.79
CA GLY A 264 -13.33 41.86 -0.65
C GLY A 264 -14.14 42.11 0.60
N ARG A 265 -14.93 43.18 0.67
CA ARG A 265 -15.61 43.36 1.95
C ARG A 265 -16.66 42.31 2.13
N SER A 266 -17.35 42.00 1.05
CA SER A 266 -18.41 41.04 1.19
C SER A 266 -17.85 39.69 1.61
N LEU A 267 -16.72 39.29 1.07
CA LEU A 267 -16.12 38.03 1.47
C LEU A 267 -15.66 38.04 2.93
N LEU A 268 -14.82 39.04 3.23
CA LEU A 268 -14.24 39.09 4.51
C LEU A 268 -15.47 39.01 5.30
N SER A 269 -16.48 39.72 4.83
CA SER A 269 -17.64 39.88 5.67
C SER A 269 -18.25 38.56 6.02
N GLN A 270 -18.21 37.63 5.09
CA GLN A 270 -18.85 36.36 5.35
C GLN A 270 -17.94 35.39 6.07
N MET A 271 -16.64 35.65 6.04
CA MET A 271 -15.68 34.79 6.70
C MET A 271 -15.66 35.10 8.18
N LEU A 272 -16.08 36.32 8.52
CA LEU A 272 -16.06 36.83 9.91
C LEU A 272 -17.45 36.81 10.53
N HIS A 273 -18.38 36.12 9.91
CA HIS A 273 -19.72 36.00 10.44
C HIS A 273 -19.79 35.38 11.85
N TYR A 274 -20.63 35.93 12.71
CA TYR A 274 -20.66 35.44 14.06
C TYR A 274 -21.18 33.99 14.21
N ASP A 275 -22.29 33.68 13.54
CA ASP A 275 -22.94 32.37 13.68
C ASP A 275 -22.23 31.29 12.95
N PRO A 276 -21.49 30.45 13.65
CA PRO A 276 -20.71 29.40 12.99
C PRO A 276 -21.51 28.75 11.85
N ASN A 277 -22.74 28.36 12.15
CA ASN A 277 -23.59 27.70 11.16
C ASN A 277 -23.77 28.50 9.85
N LYS A 278 -23.68 29.83 9.91
CA LYS A 278 -23.80 30.62 8.68
C LYS A 278 -22.49 31.19 8.10
N ARG A 279 -21.35 30.95 8.76
CA ARG A 279 -20.10 31.50 8.25
C ARG A 279 -19.89 30.89 6.92
N ILE A 280 -19.46 31.66 5.94
CA ILE A 280 -19.31 31.10 4.62
C ILE A 280 -18.28 29.99 4.77
N SER A 281 -18.36 28.96 3.95
CA SER A 281 -17.38 27.90 4.07
C SER A 281 -16.33 27.95 2.95
N ALA A 282 -15.20 27.28 3.16
CA ALA A 282 -14.14 27.44 2.22
C ALA A 282 -14.64 27.04 0.85
N LYS A 283 -15.18 25.85 0.72
CA LYS A 283 -15.75 25.42 -0.56
C LYS A 283 -16.52 26.60 -1.23
N ALA A 284 -17.51 27.13 -0.53
CA ALA A 284 -18.35 28.17 -1.08
C ALA A 284 -17.57 29.43 -1.42
N ALA A 285 -16.62 29.78 -0.58
CA ALA A 285 -15.87 30.99 -0.74
C ALA A 285 -15.08 30.97 -2.01
N LEU A 286 -14.87 29.80 -2.58
CA LEU A 286 -14.17 29.76 -3.84
C LEU A 286 -14.99 30.42 -4.94
N ALA A 287 -16.30 30.51 -4.72
CA ALA A 287 -17.20 30.97 -5.76
C ALA A 287 -17.34 32.48 -5.78
N HIS A 288 -16.98 33.13 -4.69
CA HIS A 288 -17.03 34.59 -4.55
C HIS A 288 -16.36 35.46 -5.64
N PRO A 289 -17.12 36.42 -6.16
CA PRO A 289 -16.68 37.36 -7.21
C PRO A 289 -15.35 38.00 -6.91
N PHE A 290 -15.04 38.17 -5.63
CA PHE A 290 -13.73 38.69 -5.28
C PHE A 290 -12.66 37.92 -6.05
N PHE A 291 -12.97 36.68 -6.47
CA PHE A 291 -11.97 35.89 -7.18
C PHE A 291 -12.12 35.90 -8.71
N GLN A 292 -13.23 36.46 -9.17
CA GLN A 292 -13.51 36.50 -10.59
C GLN A 292 -12.29 36.73 -11.46
N ASP A 293 -11.28 37.41 -10.93
CA ASP A 293 -10.10 37.69 -11.75
C ASP A 293 -8.86 36.98 -11.27
N VAL A 294 -9.00 36.16 -10.24
CA VAL A 294 -7.86 35.53 -9.61
C VAL A 294 -6.86 34.98 -10.61
N THR A 295 -5.59 35.19 -10.26
CA THR A 295 -4.42 34.75 -11.05
C THR A 295 -3.38 34.23 -10.07
N LYS A 296 -2.20 33.87 -10.57
CA LYS A 296 -1.14 33.32 -9.70
C LYS A 296 0.20 34.04 -9.84
N PRO A 297 0.31 35.18 -9.17
CA PRO A 297 1.53 36.00 -9.21
C PRO A 297 2.70 35.36 -8.44
N VAL A 298 3.66 36.18 -7.98
CA VAL A 298 4.85 35.65 -7.28
C VAL A 298 5.25 36.50 -6.08
N VAL B 2 -23.42 20.63 9.39
CA VAL B 2 -22.91 21.33 8.18
C VAL B 2 -22.89 20.48 6.89
N PRO B 3 -24.09 20.24 6.35
CA PRO B 3 -24.25 19.55 5.07
C PRO B 3 -23.27 20.07 4.03
N ASP B 4 -22.55 21.15 4.35
CA ASP B 4 -21.60 21.62 3.35
C ASP B 4 -20.67 20.46 2.96
N TYR B 5 -20.21 19.73 3.95
CA TYR B 5 -19.24 18.66 3.68
C TYR B 5 -19.70 17.27 4.09
N HIS B 6 -20.93 17.14 4.59
CA HIS B 6 -21.41 15.86 5.03
C HIS B 6 -21.30 14.85 3.90
N GLU B 7 -21.83 15.22 2.76
CA GLU B 7 -21.73 14.34 1.63
C GLU B 7 -20.25 14.11 1.23
N ASP B 8 -19.39 15.13 1.16
CA ASP B 8 -18.05 14.83 0.66
C ASP B 8 -17.36 13.95 1.66
N ILE B 9 -17.68 14.14 2.93
CA ILE B 9 -17.04 13.32 3.94
C ILE B 9 -17.53 11.89 3.87
N HIS B 10 -18.84 11.73 3.91
CA HIS B 10 -19.43 10.41 3.79
C HIS B 10 -18.81 9.57 2.61
N THR B 11 -18.67 10.18 1.43
CA THR B 11 -18.01 9.57 0.29
C THR B 11 -16.57 9.23 0.60
N TYR B 12 -15.89 10.10 1.29
CA TYR B 12 -14.51 9.83 1.61
C TYR B 12 -14.41 8.60 2.59
N LEU B 13 -15.31 8.53 3.56
CA LEU B 13 -15.24 7.48 4.54
C LEU B 13 -15.48 6.19 3.83
N ARG B 14 -16.25 6.26 2.76
CA ARG B 14 -16.59 5.06 2.02
C ARG B 14 -15.42 4.63 1.16
N GLU B 15 -14.63 5.60 0.74
CA GLU B 15 -13.53 5.24 -0.12
C GLU B 15 -12.58 4.54 0.81
N MET B 16 -12.41 5.10 1.99
CA MET B 16 -11.42 4.66 2.93
C MET B 16 -11.72 3.34 3.67
N GLU B 17 -13.00 3.07 3.97
CA GLU B 17 -13.34 1.91 4.79
C GLU B 17 -12.88 0.67 4.08
N VAL B 18 -12.95 0.74 2.77
CA VAL B 18 -12.52 -0.34 1.93
C VAL B 18 -10.98 -0.47 1.88
N LYS B 19 -10.24 0.56 2.26
CA LYS B 19 -8.77 0.45 2.21
C LYS B 19 -8.17 0.12 3.58
N CYS B 20 -8.93 0.35 4.65
CA CYS B 20 -8.46 0.10 5.99
C CYS B 20 -8.95 -1.27 6.40
N LYS B 21 -9.72 -1.90 5.53
CA LYS B 21 -10.29 -3.19 5.88
C LYS B 21 -9.19 -4.21 6.18
N PRO B 22 -9.40 -4.99 7.24
CA PRO B 22 -8.55 -6.12 7.61
C PRO B 22 -8.90 -7.27 6.70
N LYS B 23 -8.13 -8.35 6.73
CA LYS B 23 -8.47 -9.48 5.91
C LYS B 23 -9.30 -10.50 6.69
N VAL B 24 -10.41 -10.91 6.08
CA VAL B 24 -11.43 -11.75 6.72
C VAL B 24 -11.00 -13.07 7.32
N GLY B 25 -9.97 -13.68 6.77
CA GLY B 25 -9.63 -15.00 7.29
C GLY B 25 -8.28 -15.08 7.92
N TYR B 26 -7.99 -14.14 8.81
CA TYR B 26 -6.68 -14.06 9.37
C TYR B 26 -6.51 -14.96 10.56
N MET B 27 -7.62 -15.21 11.26
CA MET B 27 -7.58 -16.06 12.45
C MET B 27 -7.21 -17.49 12.07
N LYS B 28 -7.61 -17.91 10.88
CA LYS B 28 -7.34 -19.26 10.47
C LYS B 28 -5.86 -19.47 10.39
N LYS B 29 -5.13 -18.39 10.16
CA LYS B 29 -3.68 -18.49 10.01
C LYS B 29 -2.94 -18.14 11.31
N GLN B 30 -3.64 -17.68 12.34
CA GLN B 30 -2.97 -17.40 13.60
C GLN B 30 -2.88 -18.70 14.39
N PRO B 31 -1.70 -19.28 14.39
CA PRO B 31 -1.47 -20.60 14.96
C PRO B 31 -1.89 -20.69 16.39
N ASP B 32 -1.57 -19.68 17.16
CA ASP B 32 -1.82 -19.70 18.60
C ASP B 32 -2.99 -18.87 19.18
N ILE B 33 -3.84 -18.28 18.34
CA ILE B 33 -4.99 -17.54 18.86
C ILE B 33 -6.25 -17.80 18.06
N THR B 34 -7.37 -17.40 18.64
CA THR B 34 -8.69 -17.66 18.08
C THR B 34 -9.62 -16.48 18.30
N ASN B 35 -10.79 -16.60 17.71
CA ASN B 35 -11.82 -15.64 17.88
C ASN B 35 -12.34 -15.45 19.29
N SER B 36 -12.20 -16.48 20.14
CA SER B 36 -12.65 -16.36 21.52
C SER B 36 -11.67 -15.56 22.32
N MET B 37 -10.39 -15.77 22.07
CA MET B 37 -9.44 -14.98 22.79
C MET B 37 -9.61 -13.52 22.38
N ARG B 38 -9.68 -13.29 21.08
CA ARG B 38 -9.87 -11.95 20.56
C ARG B 38 -11.08 -11.40 21.31
N ALA B 39 -12.19 -12.11 21.21
CA ALA B 39 -13.42 -11.69 21.88
C ALA B 39 -13.20 -11.41 23.33
N ILE B 40 -12.29 -12.16 23.94
CA ILE B 40 -11.97 -11.92 25.32
C ILE B 40 -11.20 -10.60 25.35
N LEU B 41 -10.28 -10.39 24.41
CA LEU B 41 -9.54 -9.13 24.35
C LEU B 41 -10.50 -7.96 24.11
N VAL B 42 -11.27 -8.00 23.05
CA VAL B 42 -12.18 -6.85 22.87
C VAL B 42 -13.09 -6.61 24.07
N ASP B 43 -13.63 -7.69 24.63
CA ASP B 43 -14.46 -7.56 25.82
C ASP B 43 -13.76 -6.82 26.91
N TRP B 44 -12.48 -7.15 27.08
CA TRP B 44 -11.63 -6.52 28.09
C TRP B 44 -11.38 -5.07 27.71
N LEU B 45 -11.21 -4.76 26.43
CA LEU B 45 -11.01 -3.34 26.14
C LEU B 45 -12.26 -2.51 26.42
N VAL B 46 -13.44 -3.13 26.37
CA VAL B 46 -14.64 -2.38 26.68
C VAL B 46 -14.63 -1.89 28.12
N GLU B 47 -14.15 -2.71 29.05
CA GLU B 47 -14.06 -2.28 30.44
C GLU B 47 -12.96 -1.28 30.57
N VAL B 48 -11.82 -1.51 29.94
CA VAL B 48 -10.75 -0.52 30.12
C VAL B 48 -11.26 0.85 29.67
N GLY B 49 -12.05 0.87 28.60
CA GLY B 49 -12.61 2.10 28.11
C GLY B 49 -13.58 2.64 29.13
N GLU B 50 -14.42 1.75 29.66
CA GLU B 50 -15.33 2.17 30.72
C GLU B 50 -14.57 2.68 31.94
N GLU B 51 -13.50 2.00 32.33
CA GLU B 51 -12.78 2.37 33.54
C GLU B 51 -12.11 3.73 33.42
N TYR B 52 -11.65 4.06 32.23
CA TYR B 52 -10.96 5.32 32.02
C TYR B 52 -11.91 6.30 31.38
N LYS B 53 -13.15 5.87 31.22
CA LYS B 53 -14.15 6.73 30.63
C LYS B 53 -13.70 7.27 29.29
N LEU B 54 -13.40 6.36 28.34
CA LEU B 54 -12.94 6.72 27.00
C LEU B 54 -14.18 6.78 26.13
N GLN B 55 -14.04 7.42 24.97
CA GLN B 55 -15.13 7.50 24.00
C GLN B 55 -15.36 6.15 23.37
N ASN B 56 -16.55 5.94 22.84
CA ASN B 56 -16.81 4.74 22.14
C ASN B 56 -15.93 4.68 20.90
N GLU B 57 -15.68 5.86 20.37
CA GLU B 57 -14.95 6.02 19.14
C GLU B 57 -13.55 5.44 19.25
N THR B 58 -12.89 5.75 20.34
CA THR B 58 -11.56 5.28 20.67
C THR B 58 -11.58 3.79 20.79
N LEU B 59 -12.69 3.31 21.35
CA LEU B 59 -12.89 1.87 21.44
C LEU B 59 -12.82 1.27 20.08
N HIS B 60 -13.60 1.76 19.10
CA HIS B 60 -13.71 1.14 17.71
C HIS B 60 -12.36 1.26 16.96
N LEU B 61 -11.63 2.34 17.17
CA LEU B 61 -10.42 2.54 16.48
C LEU B 61 -9.41 1.40 16.87
N ALA B 62 -9.31 1.17 18.17
CA ALA B 62 -8.42 0.18 18.71
C ALA B 62 -8.69 -1.14 18.11
N VAL B 63 -9.94 -1.54 18.03
CA VAL B 63 -10.21 -2.84 17.47
C VAL B 63 -9.91 -2.88 15.97
N ASN B 64 -9.99 -1.72 15.31
CA ASN B 64 -9.65 -1.68 13.88
C ASN B 64 -8.16 -1.95 13.84
N TYR B 65 -7.40 -1.27 14.67
CA TYR B 65 -5.96 -1.50 14.75
C TYR B 65 -5.54 -2.98 15.05
N ILE B 66 -6.29 -3.64 15.93
CA ILE B 66 -5.94 -4.96 16.34
C ILE B 66 -6.17 -5.87 15.16
N ASP B 67 -7.36 -5.82 14.56
CA ASP B 67 -7.62 -6.64 13.39
C ASP B 67 -6.65 -6.41 12.26
N ARG B 68 -6.23 -5.17 12.03
CA ARG B 68 -5.30 -4.94 10.95
C ARG B 68 -3.91 -5.43 11.39
N PHE B 69 -3.60 -5.28 12.67
CA PHE B 69 -2.30 -5.69 13.10
C PHE B 69 -2.22 -7.22 13.07
N LEU B 70 -3.29 -7.91 13.49
CA LEU B 70 -3.24 -9.36 13.41
C LEU B 70 -3.48 -9.89 11.99
N SER B 71 -3.70 -9.02 11.02
CA SER B 71 -3.90 -9.55 9.67
C SER B 71 -2.58 -9.90 9.06
N SER B 72 -1.51 -9.30 9.54
CA SER B 72 -0.25 -9.66 8.93
C SER B 72 0.85 -10.07 9.95
N MET B 73 0.53 -10.19 11.22
CA MET B 73 1.55 -10.54 12.21
C MET B 73 1.00 -11.64 13.11
N SER B 74 1.78 -12.72 13.25
CA SER B 74 1.39 -13.83 14.09
C SER B 74 1.68 -13.40 15.49
N VAL B 75 0.84 -13.74 16.46
CA VAL B 75 1.11 -13.30 17.83
C VAL B 75 0.86 -14.48 18.77
N LEU B 76 1.71 -14.65 19.75
CA LEU B 76 1.49 -15.70 20.74
C LEU B 76 0.43 -15.23 21.73
N ARG B 77 -0.49 -16.11 22.15
CA ARG B 77 -1.54 -15.64 23.07
C ARG B 77 -1.00 -14.79 24.23
N GLY B 78 0.15 -15.17 24.75
CA GLY B 78 0.71 -14.44 25.87
C GLY B 78 1.00 -13.01 25.53
N LYS B 79 0.93 -12.68 24.25
CA LYS B 79 1.19 -11.34 23.82
C LYS B 79 -0.10 -10.62 23.31
N LEU B 80 -1.18 -11.37 23.20
CA LEU B 80 -2.41 -10.76 22.75
C LEU B 80 -2.71 -9.47 23.51
N GLN B 81 -2.76 -9.54 24.82
CA GLN B 81 -3.12 -8.37 25.58
C GLN B 81 -2.13 -7.22 25.31
N LEU B 82 -0.88 -7.55 25.01
CA LEU B 82 0.12 -6.49 24.77
C LEU B 82 -0.24 -5.69 23.50
N VAL B 83 -0.56 -6.43 22.44
CA VAL B 83 -0.96 -5.89 21.17
C VAL B 83 -2.21 -5.02 21.44
N GLY B 84 -3.16 -5.57 22.20
CA GLY B 84 -4.42 -4.87 22.40
C GLY B 84 -4.22 -3.64 23.26
N THR B 85 -3.21 -3.69 24.12
CA THR B 85 -2.97 -2.59 25.02
C THR B 85 -2.34 -1.45 24.31
N ALA B 86 -1.57 -1.70 23.25
CA ALA B 86 -0.91 -0.60 22.53
C ALA B 86 -1.89 -0.06 21.50
N ALA B 87 -2.81 -0.89 21.10
CA ALA B 87 -3.77 -0.42 20.16
C ALA B 87 -4.61 0.61 20.91
N MET B 88 -4.97 0.29 22.15
CA MET B 88 -5.87 1.18 22.89
C MET B 88 -5.20 2.48 23.29
N LEU B 89 -3.89 2.46 23.46
CA LEU B 89 -3.16 3.68 23.78
C LEU B 89 -3.05 4.57 22.52
N LEU B 90 -2.89 3.96 21.37
CA LEU B 90 -2.82 4.63 20.08
C LEU B 90 -4.18 5.24 19.81
N ALA B 91 -5.24 4.43 19.89
CA ALA B 91 -6.56 5.00 19.67
C ALA B 91 -6.69 6.19 20.64
N SER B 92 -6.30 5.99 21.91
CA SER B 92 -6.48 7.08 22.87
C SER B 92 -5.77 8.33 22.40
N LYS B 93 -4.47 8.22 22.16
CA LYS B 93 -3.68 9.32 21.67
C LYS B 93 -4.34 9.99 20.46
N PHE B 94 -4.88 9.21 19.52
CA PHE B 94 -5.47 9.79 18.34
C PHE B 94 -6.79 10.53 18.64
N GLU B 95 -7.66 9.91 19.42
CA GLU B 95 -9.02 10.39 19.56
C GLU B 95 -9.41 11.22 20.80
N GLU B 96 -8.64 11.08 21.86
CA GLU B 96 -9.07 11.62 23.13
C GLU B 96 -8.45 12.95 23.52
N ILE B 97 -9.23 13.74 24.23
CA ILE B 97 -8.79 15.04 24.64
C ILE B 97 -7.65 14.80 25.61
N TYR B 98 -7.96 14.05 26.65
CA TYR B 98 -7.01 13.70 27.67
C TYR B 98 -6.68 12.18 27.61
N PRO B 99 -5.71 11.77 26.83
CA PRO B 99 -5.40 10.34 26.76
C PRO B 99 -4.78 9.85 28.06
N PRO B 100 -5.21 8.70 28.54
CA PRO B 100 -4.62 8.08 29.72
C PRO B 100 -3.14 7.86 29.47
N GLU B 101 -2.31 8.20 30.45
CA GLU B 101 -0.87 8.05 30.32
C GLU B 101 -0.47 6.58 30.34
N VAL B 102 0.69 6.26 29.78
CA VAL B 102 1.11 4.88 29.60
C VAL B 102 1.13 4.10 30.90
N ALA B 103 1.59 4.75 31.96
CA ALA B 103 1.70 4.09 33.22
C ALA B 103 0.38 3.46 33.65
N GLU B 104 -0.72 4.00 33.17
CA GLU B 104 -2.00 3.49 33.59
C GLU B 104 -2.41 2.34 32.72
N PHE B 105 -1.87 2.31 31.51
CA PHE B 105 -2.21 1.24 30.62
C PHE B 105 -1.45 0.03 31.15
N VAL B 106 -0.20 0.27 31.57
CA VAL B 106 0.61 -0.77 32.20
C VAL B 106 -0.08 -1.18 33.50
N TYR B 107 -0.68 -0.21 34.17
CA TYR B 107 -1.36 -0.46 35.43
C TYR B 107 -2.54 -1.42 35.31
N ILE B 108 -3.43 -1.25 34.32
CA ILE B 108 -4.58 -2.15 34.19
C ILE B 108 -4.30 -3.53 33.64
N THR B 109 -3.06 -3.81 33.24
CA THR B 109 -2.71 -5.16 32.80
C THR B 109 -2.24 -5.99 33.99
N ASP B 110 -2.40 -5.46 35.20
CA ASP B 110 -1.90 -6.14 36.40
C ASP B 110 -0.44 -6.35 36.17
N ASP B 111 0.23 -5.26 35.89
CA ASP B 111 1.63 -5.24 35.57
C ASP B 111 2.13 -6.47 34.78
N THR B 112 1.30 -6.96 33.87
CA THR B 112 1.72 -8.08 33.03
C THR B 112 2.85 -7.74 32.07
N TYR B 113 2.95 -6.46 31.69
CA TYR B 113 3.99 -6.06 30.75
C TYR B 113 4.61 -4.76 31.24
N THR B 114 5.88 -4.51 30.91
CA THR B 114 6.52 -3.30 31.32
C THR B 114 6.25 -2.10 30.40
N LYS B 115 6.44 -0.90 30.94
CA LYS B 115 6.25 0.31 30.17
C LYS B 115 7.06 0.24 28.86
N LYS B 116 8.25 -0.31 28.98
CA LYS B 116 9.15 -0.35 27.84
C LYS B 116 8.54 -1.20 26.77
N GLN B 117 7.88 -2.27 27.19
CA GLN B 117 7.25 -3.16 26.22
C GLN B 117 6.01 -2.55 25.58
N VAL B 118 5.27 -1.76 26.32
CA VAL B 118 4.09 -1.17 25.73
C VAL B 118 4.55 -0.12 24.74
N LEU B 119 5.57 0.64 25.10
CA LEU B 119 6.10 1.59 24.13
C LEU B 119 6.68 0.90 22.90
N ARG B 120 7.35 -0.23 23.10
CA ARG B 120 7.96 -0.90 21.96
C ARG B 120 6.86 -1.38 21.05
N MET B 121 5.89 -2.04 21.65
CA MET B 121 4.76 -2.56 20.88
C MET B 121 4.00 -1.44 20.18
N GLU B 122 3.97 -0.25 20.77
CA GLU B 122 3.29 0.91 20.16
C GLU B 122 3.98 1.27 18.83
N HIS B 123 5.31 1.20 18.86
CA HIS B 123 6.09 1.43 17.68
C HIS B 123 5.81 0.29 16.72
N LEU B 124 5.86 -0.93 17.20
CA LEU B 124 5.67 -1.99 16.22
C LEU B 124 4.35 -1.81 15.47
N VAL B 125 3.25 -1.54 16.20
CA VAL B 125 1.93 -1.36 15.57
C VAL B 125 1.97 -0.18 14.63
N LEU B 126 2.56 0.92 15.06
CA LEU B 126 2.68 2.10 14.21
C LEU B 126 3.34 1.74 12.89
N LYS B 127 4.35 0.85 12.93
CA LYS B 127 5.04 0.43 11.72
C LYS B 127 4.19 -0.48 10.87
N VAL B 128 3.44 -1.37 11.49
CA VAL B 128 2.68 -2.30 10.67
C VAL B 128 1.46 -1.61 10.06
N LEU B 129 0.96 -0.60 10.76
CA LEU B 129 -0.14 0.16 10.16
C LEU B 129 0.34 1.33 9.26
N THR B 130 1.65 1.51 9.13
CA THR B 130 2.25 2.63 8.40
C THR B 130 1.64 3.96 8.78
N PHE B 131 1.37 4.12 10.05
CA PHE B 131 0.79 5.30 10.63
C PHE B 131 -0.61 5.59 10.08
N ASP B 132 -1.24 4.66 9.40
CA ASP B 132 -2.56 4.93 8.89
C ASP B 132 -3.65 4.78 9.96
N LEU B 133 -3.79 5.75 10.83
CA LEU B 133 -4.72 5.67 11.95
C LEU B 133 -6.15 6.20 11.83
N ALA B 134 -6.44 7.08 10.86
CA ALA B 134 -7.76 7.69 10.79
C ALA B 134 -8.62 6.83 10.01
N ALA B 135 -9.00 5.70 10.56
CA ALA B 135 -9.88 4.74 9.85
C ALA B 135 -11.34 4.97 10.21
N PRO B 136 -12.22 4.78 9.25
CA PRO B 136 -13.67 4.90 9.49
C PRO B 136 -14.03 3.81 10.40
N THR B 137 -15.10 3.93 11.19
CA THR B 137 -15.57 2.83 12.02
C THR B 137 -17.08 2.89 12.12
N VAL B 138 -17.67 1.85 12.72
CA VAL B 138 -19.11 1.78 12.83
C VAL B 138 -19.64 3.03 13.47
N ASN B 139 -18.96 3.46 14.51
CA ASN B 139 -19.39 4.64 15.21
C ASN B 139 -19.46 5.82 14.25
N GLN B 140 -18.40 6.08 13.50
CA GLN B 140 -18.45 7.22 12.60
C GLN B 140 -19.61 7.16 11.62
N PHE B 141 -20.13 5.97 11.27
CA PHE B 141 -21.23 5.92 10.30
C PHE B 141 -22.62 6.21 10.94
N LEU B 142 -22.85 5.58 12.10
CA LEU B 142 -24.01 5.74 12.92
C LEU B 142 -24.21 7.20 13.25
N THR B 143 -23.15 7.92 13.56
CA THR B 143 -23.54 9.29 13.92
C THR B 143 -24.25 9.95 12.76
N GLN B 144 -23.74 9.74 11.54
CA GLN B 144 -24.35 10.33 10.33
C GLN B 144 -25.74 9.80 10.13
N TYR B 145 -25.88 8.49 10.15
CA TYR B 145 -27.21 8.00 9.94
C TYR B 145 -28.10 8.66 10.98
N PHE B 146 -27.56 8.89 12.17
CA PHE B 146 -28.42 9.42 13.20
C PHE B 146 -29.14 10.66 12.68
N LEU B 147 -28.45 11.50 11.93
CA LEU B 147 -29.09 12.74 11.51
C LEU B 147 -30.38 12.48 10.74
N HIS B 148 -30.59 11.27 10.29
CA HIS B 148 -31.79 11.05 9.50
C HIS B 148 -33.02 10.63 10.34
N GLN B 149 -33.12 11.07 11.58
CA GLN B 149 -34.31 10.67 12.32
C GLN B 149 -35.39 11.75 12.32
N GLN B 150 -36.64 11.31 12.49
CA GLN B 150 -37.78 12.22 12.48
C GLN B 150 -38.86 11.74 13.46
N PRO B 151 -38.81 12.21 14.70
CA PRO B 151 -37.71 13.07 15.16
C PRO B 151 -36.59 12.20 15.73
N ALA B 152 -35.52 12.85 16.18
CA ALA B 152 -34.45 12.14 16.87
C ALA B 152 -35.07 11.23 17.94
N ASN B 153 -34.31 10.25 18.40
CA ASN B 153 -34.79 9.42 19.48
C ASN B 153 -33.59 8.76 20.12
N CYS B 154 -33.22 9.25 21.31
CA CYS B 154 -31.99 8.79 21.96
C CYS B 154 -32.01 7.34 22.37
N LYS B 155 -33.19 6.84 22.62
CA LYS B 155 -33.23 5.44 22.95
C LYS B 155 -32.62 4.74 21.76
N VAL B 156 -33.05 5.14 20.55
CA VAL B 156 -32.57 4.53 19.30
C VAL B 156 -31.05 4.68 19.09
N GLU B 157 -30.54 5.87 19.29
CA GLU B 157 -29.12 6.11 19.14
C GLU B 157 -28.42 5.05 19.99
N SER B 158 -28.47 5.19 21.31
CA SER B 158 -27.86 4.22 22.23
C SER B 158 -28.07 2.78 21.78
N LEU B 159 -29.29 2.36 21.51
CA LEU B 159 -29.43 0.97 21.04
C LEU B 159 -28.57 0.65 19.80
N ALA B 160 -28.42 1.62 18.89
CA ALA B 160 -27.62 1.34 17.69
C ALA B 160 -26.18 1.20 18.10
N MET B 161 -25.74 2.15 18.90
CA MET B 161 -24.39 2.14 19.39
C MET B 161 -24.14 0.80 19.97
N PHE B 162 -25.09 0.38 20.80
CA PHE B 162 -25.01 -0.88 21.51
C PHE B 162 -24.82 -2.00 20.55
N LEU B 163 -25.67 -2.08 19.53
CA LEU B 163 -25.57 -3.21 18.60
C LEU B 163 -24.30 -3.11 17.79
N GLY B 164 -23.75 -1.91 17.67
CA GLY B 164 -22.57 -1.80 16.83
C GLY B 164 -21.43 -2.33 17.65
N GLU B 165 -21.41 -1.92 18.90
CA GLU B 165 -20.30 -2.23 19.76
C GLU B 165 -20.27 -3.74 20.03
N LEU B 166 -21.45 -4.35 20.09
CA LEU B 166 -21.54 -5.79 20.24
C LEU B 166 -20.82 -6.52 19.11
N SER B 167 -20.85 -5.93 17.93
CA SER B 167 -20.31 -6.59 16.72
C SER B 167 -18.79 -6.58 16.73
N LEU B 168 -18.20 -5.78 17.59
CA LEU B 168 -16.76 -5.79 17.73
C LEU B 168 -16.27 -7.12 18.27
N ILE B 169 -17.16 -7.77 19.03
CA ILE B 169 -16.77 -8.85 19.88
C ILE B 169 -16.40 -10.07 19.12
N ASP B 170 -17.08 -10.26 17.98
CA ASP B 170 -17.02 -11.49 17.15
C ASP B 170 -16.50 -11.39 15.71
N ALA B 171 -15.20 -11.52 15.52
CA ALA B 171 -14.61 -11.57 14.19
C ALA B 171 -15.52 -12.34 13.31
N ASP B 172 -16.06 -13.43 13.83
CA ASP B 172 -16.94 -14.25 13.03
C ASP B 172 -18.37 -13.99 13.47
N PRO B 173 -19.21 -13.45 12.62
CA PRO B 173 -18.88 -13.11 11.23
C PRO B 173 -18.61 -11.63 10.96
N TYR B 174 -18.54 -10.78 11.96
CA TYR B 174 -18.56 -9.36 11.67
C TYR B 174 -17.38 -8.79 10.89
N LEU B 175 -16.41 -9.63 10.59
CA LEU B 175 -15.22 -9.09 9.98
C LEU B 175 -15.50 -9.01 8.53
N LYS B 176 -16.46 -9.78 8.08
CA LYS B 176 -16.73 -9.74 6.68
C LYS B 176 -17.63 -8.57 6.24
N TYR B 177 -18.05 -7.74 7.20
CA TYR B 177 -19.01 -6.70 6.83
C TYR B 177 -18.36 -5.34 6.87
N LEU B 178 -18.56 -4.52 5.85
CA LEU B 178 -17.99 -3.17 6.01
C LEU B 178 -18.58 -2.39 7.22
N PRO B 179 -17.82 -1.47 7.77
CA PRO B 179 -18.34 -0.73 8.92
C PRO B 179 -19.62 0.00 8.57
N SER B 180 -19.78 0.38 7.30
CA SER B 180 -20.92 1.21 7.00
C SER B 180 -22.13 0.36 6.91
N VAL B 181 -21.90 -0.94 6.70
CA VAL B 181 -22.97 -1.92 6.57
C VAL B 181 -23.40 -2.35 7.97
N ILE B 182 -22.43 -2.57 8.84
CA ILE B 182 -22.76 -2.89 10.23
C ILE B 182 -23.58 -1.77 10.85
N ALA B 183 -23.23 -0.55 10.52
CA ALA B 183 -23.98 0.58 11.01
C ALA B 183 -25.40 0.68 10.42
N GLY B 184 -25.61 0.19 9.21
CA GLY B 184 -26.93 0.27 8.63
C GLY B 184 -27.78 -0.73 9.36
N ALA B 185 -27.32 -1.98 9.34
CA ALA B 185 -27.92 -3.05 10.12
C ALA B 185 -28.25 -2.61 11.53
N ALA B 186 -27.28 -2.09 12.25
CA ALA B 186 -27.57 -1.66 13.61
C ALA B 186 -28.60 -0.53 13.76
N PHE B 187 -28.59 0.43 12.82
CA PHE B 187 -29.47 1.57 12.94
C PHE B 187 -30.87 1.12 12.74
N HIS B 188 -31.06 0.27 11.72
CA HIS B 188 -32.38 -0.21 11.36
C HIS B 188 -32.98 -1.08 12.47
N LEU B 189 -32.14 -1.93 13.04
CA LEU B 189 -32.57 -2.83 14.07
C LEU B 189 -32.92 -2.05 15.32
N ALA B 190 -32.18 -1.00 15.61
CA ALA B 190 -32.47 -0.19 16.78
C ALA B 190 -33.81 0.48 16.59
N LEU B 191 -33.93 1.15 15.46
CA LEU B 191 -35.06 1.96 15.15
C LEU B 191 -36.29 1.10 15.18
N TYR B 192 -36.24 0.01 14.42
CA TYR B 192 -37.35 -0.91 14.36
C TYR B 192 -37.69 -1.36 15.77
N THR B 193 -36.67 -1.61 16.56
CA THR B 193 -36.92 -2.09 17.89
C THR B 193 -37.59 -1.09 18.80
N VAL B 194 -37.10 0.14 18.79
CA VAL B 194 -37.70 1.11 19.69
C VAL B 194 -39.06 1.63 19.20
N THR B 195 -39.16 1.94 17.92
CA THR B 195 -40.36 2.56 17.37
C THR B 195 -41.06 1.73 16.32
N GLY B 196 -40.42 0.71 15.80
CA GLY B 196 -41.00 -0.02 14.71
C GLY B 196 -40.80 0.66 13.36
N GLN B 197 -40.10 1.79 13.29
CA GLN B 197 -39.91 2.38 11.98
C GLN B 197 -38.82 1.57 11.29
N SER B 198 -38.51 1.90 10.03
CA SER B 198 -37.53 1.13 9.27
C SER B 198 -36.53 1.99 8.56
N TRP B 199 -35.47 1.36 8.08
CA TRP B 199 -34.43 2.03 7.31
C TRP B 199 -35.06 3.11 6.43
N PRO B 200 -34.82 4.35 6.76
CA PRO B 200 -35.39 5.47 6.00
C PRO B 200 -34.89 5.64 4.58
N GLU B 201 -35.83 5.92 3.70
CA GLU B 201 -35.60 6.26 2.30
C GLU B 201 -34.50 7.31 2.04
N SER B 202 -34.33 8.21 3.01
CA SER B 202 -33.32 9.21 2.86
C SER B 202 -31.92 8.56 2.95
N LEU B 203 -31.78 7.58 3.82
CA LEU B 203 -30.50 6.93 3.97
C LEU B 203 -30.27 6.01 2.78
N ILE B 204 -31.36 5.56 2.15
CA ILE B 204 -31.21 4.87 0.89
C ILE B 204 -30.64 5.86 -0.11
N ARG B 205 -31.21 7.05 -0.25
CA ARG B 205 -30.64 8.00 -1.19
C ARG B 205 -29.19 8.24 -0.89
N LYS B 206 -28.89 8.37 0.41
CA LYS B 206 -27.57 8.82 0.83
C LYS B 206 -26.52 7.76 0.66
N THR B 207 -26.80 6.55 1.12
CA THR B 207 -25.82 5.47 1.13
C THR B 207 -25.93 4.47 0.01
N GLY B 208 -27.11 4.29 -0.53
CA GLY B 208 -27.29 3.28 -1.55
C GLY B 208 -27.63 1.91 -1.01
N TYR B 209 -27.65 1.76 0.31
CA TYR B 209 -28.08 0.49 0.87
C TYR B 209 -29.60 0.38 1.05
N THR B 210 -30.14 -0.82 0.87
CA THR B 210 -31.55 -1.07 1.15
C THR B 210 -31.62 -2.10 2.26
N LEU B 211 -32.82 -2.45 2.71
CA LEU B 211 -32.96 -3.56 3.63
C LEU B 211 -32.49 -4.77 2.87
N GLU B 212 -32.76 -4.80 1.57
CA GLU B 212 -32.32 -5.96 0.83
C GLU B 212 -30.79 -6.10 0.96
N SER B 213 -30.06 -5.04 0.64
CA SER B 213 -28.61 -5.11 0.69
C SER B 213 -28.12 -5.31 2.13
N LEU B 214 -28.91 -4.86 3.11
CA LEU B 214 -28.47 -5.02 4.48
C LEU B 214 -28.86 -6.34 5.14
N LYS B 215 -29.78 -7.06 4.52
CA LYS B 215 -30.29 -8.32 5.08
C LYS B 215 -29.26 -9.32 5.66
N PRO B 216 -28.29 -9.73 4.85
CA PRO B 216 -27.29 -10.72 5.29
C PRO B 216 -26.69 -10.33 6.67
N CYS B 217 -26.21 -9.09 6.80
CA CYS B 217 -25.63 -8.61 8.06
C CYS B 217 -26.67 -8.38 9.18
N LEU B 218 -27.83 -7.88 8.80
CA LEU B 218 -28.93 -7.73 9.74
C LEU B 218 -29.37 -9.09 10.29
N MET B 219 -29.30 -10.14 9.49
CA MET B 219 -29.70 -11.45 9.98
C MET B 219 -28.72 -11.92 11.06
N ASP B 220 -27.43 -11.69 10.84
CA ASP B 220 -26.51 -12.12 11.86
C ASP B 220 -26.73 -11.28 13.06
N LEU B 221 -26.85 -9.98 12.87
CA LEU B 221 -26.94 -9.11 14.03
C LEU B 221 -28.20 -9.40 14.86
N HIS B 222 -29.31 -9.62 14.19
CA HIS B 222 -30.52 -9.93 14.92
C HIS B 222 -30.23 -11.11 15.88
N GLN B 223 -29.69 -12.22 15.36
CA GLN B 223 -29.27 -13.31 16.23
C GLN B 223 -28.36 -12.86 17.39
N THR B 224 -27.34 -12.09 17.09
CA THR B 224 -26.46 -11.66 18.16
C THR B 224 -27.25 -10.92 19.24
N TYR B 225 -28.19 -10.10 18.83
CA TYR B 225 -28.96 -9.31 19.79
C TYR B 225 -29.77 -10.22 20.71
N LEU B 226 -30.32 -11.30 20.14
CA LEU B 226 -31.13 -12.29 20.85
C LEU B 226 -30.26 -13.15 21.77
N LYS B 227 -29.12 -13.57 21.25
CA LYS B 227 -28.26 -14.43 22.01
C LYS B 227 -27.41 -13.66 23.00
N ALA B 228 -27.50 -12.34 22.94
CA ALA B 228 -26.65 -11.50 23.76
C ALA B 228 -26.57 -11.91 25.24
N PRO B 229 -27.71 -11.97 25.92
CA PRO B 229 -27.75 -12.30 27.35
C PRO B 229 -27.03 -13.60 27.69
N GLN B 230 -26.91 -14.50 26.73
CA GLN B 230 -26.23 -15.75 26.98
C GLN B 230 -24.80 -15.79 26.48
N HIS B 231 -24.29 -14.67 25.98
CA HIS B 231 -22.95 -14.64 25.35
C HIS B 231 -21.89 -14.78 26.40
N ALA B 232 -20.86 -15.57 26.11
CA ALA B 232 -19.71 -15.70 27.03
C ALA B 232 -19.25 -14.35 27.58
N GLN B 233 -19.19 -13.34 26.69
CA GLN B 233 -18.74 -11.97 27.03
C GLN B 233 -19.91 -11.07 27.40
N GLN B 234 -19.72 -10.23 28.41
CA GLN B 234 -20.82 -9.45 28.95
C GLN B 234 -20.48 -8.03 29.32
N SER B 235 -19.27 -7.58 29.00
CA SER B 235 -18.93 -6.24 29.41
C SER B 235 -19.83 -5.22 28.72
N ILE B 236 -20.18 -5.45 27.46
CA ILE B 236 -20.94 -4.43 26.78
C ILE B 236 -22.35 -4.37 27.35
N ARG B 237 -23.01 -5.53 27.48
CA ARG B 237 -24.35 -5.52 28.13
C ARG B 237 -24.36 -4.78 29.47
N GLU B 238 -23.30 -4.96 30.26
CA GLU B 238 -23.24 -4.25 31.54
C GLU B 238 -23.22 -2.74 31.29
N LYS B 239 -22.23 -2.31 30.52
CA LYS B 239 -22.07 -0.96 30.11
C LYS B 239 -23.41 -0.29 29.74
N TYR B 240 -24.15 -0.90 28.84
CA TYR B 240 -25.35 -0.29 28.34
C TYR B 240 -26.59 -0.41 29.26
N LYS B 241 -26.37 -0.83 30.51
CA LYS B 241 -27.40 -0.88 31.54
C LYS B 241 -27.39 0.50 32.12
N ASN B 242 -26.26 1.18 32.00
CA ASN B 242 -26.11 2.48 32.62
C ASN B 242 -27.05 3.58 32.12
N SER B 243 -27.25 4.59 32.95
CA SER B 243 -28.17 5.65 32.57
C SER B 243 -27.63 6.33 31.34
N LYS B 244 -26.32 6.56 31.34
CA LYS B 244 -25.64 7.25 30.23
C LYS B 244 -26.14 6.77 28.85
N TYR B 245 -26.42 5.49 28.72
CA TYR B 245 -26.95 5.02 27.43
C TYR B 245 -28.42 4.65 27.54
N HIS B 246 -29.15 5.40 28.35
CA HIS B 246 -30.60 5.24 28.41
C HIS B 246 -31.02 3.80 28.66
N GLY B 247 -30.15 3.03 29.32
CA GLY B 247 -30.43 1.67 29.73
C GLY B 247 -30.86 0.73 28.64
N VAL B 248 -30.53 1.06 27.40
CA VAL B 248 -30.97 0.24 26.28
C VAL B 248 -30.61 -1.24 26.33
N SER B 249 -29.53 -1.62 27.00
CA SER B 249 -29.27 -3.06 27.07
C SER B 249 -30.48 -3.80 27.68
N LEU B 250 -31.30 -3.07 28.41
CA LEU B 250 -32.40 -3.72 29.12
C LEU B 250 -33.62 -3.93 28.29
N LEU B 251 -33.57 -3.44 27.04
CA LEU B 251 -34.70 -3.58 26.11
C LEU B 251 -34.84 -5.00 25.57
N ASN B 252 -36.08 -5.40 25.25
CA ASN B 252 -36.32 -6.72 24.70
C ASN B 252 -36.25 -6.67 23.16
N PRO B 253 -35.34 -7.44 22.58
CA PRO B 253 -35.25 -7.53 21.12
C PRO B 253 -36.53 -8.08 20.53
N PRO B 254 -36.77 -7.80 19.26
CA PRO B 254 -37.98 -8.25 18.59
C PRO B 254 -37.75 -9.67 18.14
N GLU B 255 -38.78 -10.50 18.16
CA GLU B 255 -38.60 -11.90 17.80
C GLU B 255 -38.47 -12.07 16.30
N THR B 256 -39.02 -11.14 15.52
CA THR B 256 -38.82 -11.15 14.08
C THR B 256 -38.73 -9.75 13.54
N LEU B 257 -38.03 -9.62 12.43
CA LEU B 257 -37.88 -8.31 11.83
C LEU B 257 -38.93 -8.15 10.74
N ASN B 258 -39.23 -9.25 10.04
CA ASN B 258 -40.23 -9.26 8.99
C ASN B 258 -39.66 -8.74 7.68
N LEU B 259 -38.43 -9.17 7.39
CA LEU B 259 -37.75 -8.70 6.20
C LEU B 259 -38.29 -9.34 4.94
N SER C 5 16.44 -1.78 14.07
CA SER C 5 15.92 -2.50 12.85
C SER C 5 15.66 -3.92 13.27
N MET C 6 16.73 -4.56 13.72
CA MET C 6 16.64 -5.92 14.23
C MET C 6 16.43 -5.97 15.72
N GLU C 7 16.49 -4.82 16.37
CA GLU C 7 16.32 -4.71 17.82
C GLU C 7 15.22 -5.65 18.32
N ASN C 8 14.10 -5.71 17.60
CA ASN C 8 13.00 -6.57 18.01
C ASN C 8 13.20 -8.08 17.86
N PHE C 9 14.27 -8.48 17.21
CA PHE C 9 14.49 -9.91 16.97
C PHE C 9 15.58 -10.50 17.84
N GLN C 10 15.31 -11.66 18.40
CA GLN C 10 16.33 -12.34 19.21
C GLN C 10 16.72 -13.62 18.53
N LYS C 11 18.02 -13.75 18.26
CA LYS C 11 18.54 -14.95 17.64
C LYS C 11 18.50 -16.11 18.64
N VAL C 12 18.13 -17.29 18.16
CA VAL C 12 18.07 -18.46 18.99
C VAL C 12 19.22 -19.37 18.63
N GLU C 13 19.51 -19.48 17.34
CA GLU C 13 20.57 -20.37 16.90
C GLU C 13 20.72 -20.42 15.40
N LYS C 14 21.80 -21.07 14.97
CA LYS C 14 22.07 -21.25 13.56
C LYS C 14 21.19 -22.39 13.08
N ILE C 15 20.66 -22.26 11.85
CA ILE C 15 19.90 -23.34 11.27
C ILE C 15 20.39 -23.65 9.88
N GLY C 16 21.30 -22.82 9.36
CA GLY C 16 21.82 -23.08 8.03
C GLY C 16 22.76 -22.05 7.44
N GLU C 17 22.84 -22.04 6.11
CA GLU C 17 23.72 -21.12 5.40
C GLU C 17 23.47 -21.12 3.89
N GLY C 18 23.50 -19.93 3.30
CA GLY C 18 23.35 -19.71 1.87
C GLY C 18 24.67 -19.17 1.35
N THR C 19 24.66 -18.44 0.23
CA THR C 19 25.93 -17.96 -0.34
C THR C 19 26.50 -16.68 0.29
N TYR C 20 25.61 -15.76 0.65
CA TYR C 20 26.00 -14.48 1.24
C TYR C 20 25.87 -14.45 2.78
N GLY C 21 25.44 -15.56 3.38
CA GLY C 21 25.33 -15.59 4.82
C GLY C 21 24.90 -16.87 5.50
N VAL C 22 24.75 -16.77 6.83
CA VAL C 22 24.28 -17.82 7.71
C VAL C 22 22.79 -17.60 7.90
N VAL C 23 22.07 -18.67 8.19
CA VAL C 23 20.62 -18.62 8.34
C VAL C 23 20.22 -18.83 9.77
N TYR C 24 19.74 -17.77 10.39
CA TYR C 24 19.36 -17.83 11.78
C TYR C 24 17.86 -18.07 12.03
N LYS C 25 17.59 -18.74 13.13
CA LYS C 25 16.26 -18.91 13.67
C LYS C 25 16.20 -17.87 14.77
N ALA C 26 15.10 -17.14 14.87
CA ALA C 26 15.01 -16.08 15.85
C ALA C 26 13.59 -15.87 16.28
N ARG C 27 13.40 -15.09 17.31
CA ARG C 27 12.06 -14.81 17.77
C ARG C 27 11.82 -13.33 18.02
N ASN C 28 10.64 -12.90 17.54
CA ASN C 28 10.15 -11.57 17.71
C ASN C 28 9.88 -11.42 19.16
N LYS C 29 10.58 -10.50 19.79
CA LYS C 29 10.47 -10.36 21.22
C LYS C 29 9.13 -9.78 21.65
N LEU C 30 8.45 -9.08 20.72
CA LEU C 30 7.21 -8.42 21.07
C LEU C 30 6.03 -9.27 20.76
N THR C 31 6.06 -9.98 19.64
CA THR C 31 4.92 -10.80 19.29
C THR C 31 5.17 -12.23 19.73
N GLY C 32 6.43 -12.65 19.81
CA GLY C 32 6.76 -14.04 20.06
C GLY C 32 6.86 -14.90 18.79
N GLU C 33 6.55 -14.34 17.64
CA GLU C 33 6.65 -15.10 16.42
C GLU C 33 8.09 -15.62 16.18
N VAL C 34 8.22 -16.90 15.83
CA VAL C 34 9.52 -17.51 15.59
C VAL C 34 9.70 -17.38 14.11
N VAL C 35 10.93 -17.10 13.69
CA VAL C 35 11.20 -16.91 12.26
C VAL C 35 12.63 -17.26 11.84
N ALA C 36 12.82 -17.38 10.53
CA ALA C 36 14.14 -17.62 10.00
C ALA C 36 14.68 -16.34 9.35
N LEU C 37 15.89 -15.93 9.73
CA LEU C 37 16.49 -14.73 9.12
C LEU C 37 17.58 -15.07 8.12
N LYS C 38 17.50 -14.50 6.93
CA LYS C 38 18.61 -14.57 6.00
C LYS C 38 19.31 -13.22 6.10
N LYS C 39 20.64 -13.26 6.06
CA LYS C 39 21.47 -12.07 6.17
C LYS C 39 22.18 -11.98 4.85
N ILE C 40 22.10 -10.82 4.21
CA ILE C 40 22.68 -10.64 2.90
C ILE C 40 23.58 -9.41 2.89
N ARG C 41 24.88 -9.63 2.93
CA ARG C 41 25.86 -8.56 2.83
C ARG C 41 25.61 -7.83 1.52
N LEU C 42 25.50 -6.53 1.62
CA LEU C 42 25.31 -5.72 0.45
C LEU C 42 26.72 -5.30 0.05
N ASP C 43 27.00 -5.38 -1.24
CA ASP C 43 28.33 -5.03 -1.71
C ASP C 43 28.52 -3.58 -2.18
N THR C 44 28.47 -2.64 -1.25
CA THR C 44 28.73 -1.27 -1.61
C THR C 44 30.14 -1.21 -2.24
N GLU C 45 30.44 -0.12 -2.92
CA GLU C 45 31.79 -0.01 -3.52
C GLU C 45 32.01 -0.96 -4.67
N THR C 46 31.28 -2.06 -4.70
CA THR C 46 31.53 -3.13 -5.66
C THR C 46 30.38 -3.43 -6.64
N GLU C 47 29.67 -4.54 -6.43
CA GLU C 47 28.57 -4.98 -7.30
C GLU C 47 27.15 -4.70 -6.81
N GLY C 48 26.99 -4.06 -5.66
CA GLY C 48 25.67 -3.70 -5.13
C GLY C 48 24.86 -4.85 -4.55
N VAL C 49 23.57 -4.91 -4.87
CA VAL C 49 22.70 -5.99 -4.38
C VAL C 49 22.78 -7.23 -5.23
N PRO C 50 23.01 -8.37 -4.61
CA PRO C 50 23.21 -9.59 -5.40
C PRO C 50 21.95 -9.95 -6.15
N SER C 51 22.09 -10.42 -7.40
CA SER C 51 20.92 -10.79 -8.20
C SER C 51 20.12 -11.96 -7.67
N THR C 52 20.75 -12.86 -6.91
CA THR C 52 19.97 -13.96 -6.39
C THR C 52 18.97 -13.37 -5.43
N ALA C 53 19.32 -12.25 -4.81
CA ALA C 53 18.47 -11.65 -3.80
C ALA C 53 17.29 -10.87 -4.40
N ILE C 54 17.58 -10.00 -5.34
CA ILE C 54 16.54 -9.29 -6.02
C ILE C 54 15.51 -10.29 -6.59
N ARG C 55 15.98 -11.43 -7.10
CA ARG C 55 15.06 -12.38 -7.71
C ARG C 55 14.16 -13.03 -6.69
N GLU C 56 14.81 -13.70 -5.76
CA GLU C 56 14.15 -14.40 -4.65
C GLU C 56 13.11 -13.48 -4.03
N ILE C 57 13.50 -12.27 -3.67
CA ILE C 57 12.61 -11.31 -3.05
C ILE C 57 11.51 -10.86 -4.01
N SER C 58 11.91 -10.29 -5.13
CA SER C 58 10.94 -9.79 -6.08
C SER C 58 9.91 -10.83 -6.35
N LEU C 59 10.34 -12.04 -6.69
CA LEU C 59 9.38 -13.07 -7.00
C LEU C 59 8.64 -13.46 -5.73
N LEU C 60 9.35 -14.06 -4.77
CA LEU C 60 8.71 -14.49 -3.55
C LEU C 60 7.64 -13.51 -3.15
N LYS C 61 7.80 -12.23 -3.46
CA LYS C 61 6.81 -11.24 -3.01
C LYS C 61 5.41 -11.43 -3.63
N GLU C 62 5.37 -11.97 -4.85
CA GLU C 62 4.09 -12.33 -5.45
C GLU C 62 3.86 -13.62 -4.70
N LEU C 63 3.77 -14.71 -5.45
CA LEU C 63 3.62 -16.02 -4.88
C LEU C 63 3.15 -15.99 -3.42
N ASN C 64 1.84 -15.88 -3.19
CA ASN C 64 1.35 -15.97 -1.84
C ASN C 64 0.47 -17.19 -1.77
N HIS C 65 1.08 -18.34 -1.49
CA HIS C 65 0.38 -19.61 -1.53
C HIS C 65 0.64 -20.43 -0.29
N PRO C 66 -0.33 -21.23 0.13
CA PRO C 66 -0.21 -22.01 1.37
C PRO C 66 0.97 -23.00 1.40
N ASN C 67 1.54 -23.33 0.26
CA ASN C 67 2.67 -24.26 0.29
C ASN C 67 3.95 -23.62 -0.17
N ILE C 68 3.93 -22.30 -0.29
CA ILE C 68 5.16 -21.64 -0.62
C ILE C 68 5.69 -20.97 0.64
N VAL C 69 6.98 -21.09 0.90
CA VAL C 69 7.48 -20.52 2.13
C VAL C 69 7.13 -19.05 2.01
N LYS C 70 6.86 -18.43 3.14
CA LYS C 70 6.45 -17.03 3.11
C LYS C 70 7.52 -16.08 3.63
N LEU C 71 7.76 -15.04 2.83
CA LEU C 71 8.69 -13.97 3.12
C LEU C 71 7.96 -12.86 3.89
N LEU C 72 8.18 -12.79 5.18
CA LEU C 72 7.40 -11.93 6.03
C LEU C 72 7.83 -10.47 6.06
N ASP C 73 9.10 -10.20 5.78
CA ASP C 73 9.58 -8.84 5.82
C ASP C 73 10.93 -8.73 5.11
N VAL C 74 11.27 -7.50 4.71
CA VAL C 74 12.57 -7.22 4.16
C VAL C 74 13.08 -5.98 4.84
N ILE C 75 13.97 -6.14 5.82
CA ILE C 75 14.47 -5.00 6.58
C ILE C 75 15.79 -4.50 6.06
N HIS C 76 15.81 -3.21 5.70
CA HIS C 76 17.00 -2.62 5.07
C HIS C 76 18.01 -1.97 5.99
N THR C 77 19.24 -2.03 5.52
CA THR C 77 20.35 -1.44 6.22
C THR C 77 21.19 -0.91 5.10
N GLU C 78 22.09 -0.01 5.45
CA GLU C 78 22.98 0.54 4.47
C GLU C 78 23.93 -0.57 3.93
N ASN C 79 24.31 -1.56 4.76
CA ASN C 79 25.20 -2.63 4.28
C ASN C 79 24.63 -4.02 4.30
N LYS C 80 23.48 -4.21 4.96
CA LYS C 80 22.91 -5.56 5.11
C LYS C 80 21.47 -5.65 4.62
N LEU C 81 21.07 -6.79 4.08
CA LEU C 81 19.70 -7.04 3.72
C LEU C 81 19.25 -8.21 4.61
N TYR C 82 18.07 -8.10 5.24
CA TYR C 82 17.59 -9.19 6.07
C TYR C 82 16.26 -9.62 5.56
N LEU C 83 16.14 -10.88 5.18
CA LEU C 83 14.86 -11.35 4.75
C LEU C 83 14.32 -12.07 5.97
N VAL C 84 13.02 -11.97 6.20
CA VAL C 84 12.46 -12.58 7.38
C VAL C 84 11.48 -13.59 6.88
N PHE C 85 11.80 -14.88 6.99
CA PHE C 85 10.91 -15.89 6.47
C PHE C 85 10.15 -16.49 7.61
N GLU C 86 9.03 -17.12 7.30
CA GLU C 86 8.26 -17.80 8.34
C GLU C 86 9.11 -19.01 8.69
N PHE C 87 9.18 -19.37 9.96
CA PHE C 87 9.95 -20.53 10.41
C PHE C 87 9.28 -21.88 10.28
N LEU C 88 9.97 -22.82 9.65
CA LEU C 88 9.51 -24.20 9.56
C LEU C 88 10.50 -25.12 10.26
N HIS C 89 9.99 -26.02 11.10
CA HIS C 89 10.87 -26.86 11.95
C HIS C 89 11.99 -27.67 11.24
N GLN C 90 11.70 -28.25 10.08
CA GLN C 90 12.76 -28.91 9.32
C GLN C 90 12.50 -28.99 7.83
N ASP C 91 13.45 -29.56 7.10
CA ASP C 91 13.34 -29.74 5.66
C ASP C 91 13.21 -31.24 5.30
N LEU C 92 12.74 -31.52 4.09
CA LEU C 92 12.45 -32.90 3.73
C LEU C 92 13.64 -33.84 3.92
N LYS C 93 14.80 -33.48 3.42
CA LYS C 93 15.91 -34.36 3.61
C LYS C 93 16.11 -34.71 5.09
N LYS C 94 16.27 -33.70 5.92
CA LYS C 94 16.58 -34.00 7.28
C LYS C 94 15.53 -34.99 7.80
N PHE C 95 14.32 -34.89 7.26
CA PHE C 95 13.21 -35.71 7.71
C PHE C 95 13.37 -37.18 7.30
N MET C 96 13.54 -37.39 6.00
CA MET C 96 13.78 -38.74 5.48
C MET C 96 14.88 -39.46 6.29
N ASP C 97 16.03 -38.80 6.48
CA ASP C 97 17.09 -39.39 7.28
C ASP C 97 16.51 -39.86 8.59
N ALA C 98 15.81 -38.97 9.28
CA ALA C 98 15.23 -39.34 10.56
C ALA C 98 14.29 -40.50 10.37
N SER C 99 13.79 -40.69 9.17
CA SER C 99 12.86 -41.79 8.98
C SER C 99 13.36 -42.83 8.03
N ALA C 100 14.68 -43.06 8.04
CA ALA C 100 15.31 -44.04 7.17
C ALA C 100 14.96 -45.50 7.56
N LEU C 101 14.78 -45.74 8.86
CA LEU C 101 14.40 -47.06 9.38
C LEU C 101 12.88 -47.26 9.50
N THR C 102 12.23 -46.46 10.34
CA THR C 102 10.79 -46.62 10.54
C THR C 102 10.02 -46.38 9.26
N GLY C 103 10.69 -45.91 8.21
CA GLY C 103 10.00 -45.61 6.95
C GLY C 103 9.02 -44.46 7.12
N ILE C 104 8.57 -43.86 6.01
CA ILE C 104 7.56 -42.81 6.10
C ILE C 104 6.25 -43.41 5.72
N PRO C 105 5.22 -43.28 6.55
CA PRO C 105 3.90 -43.76 6.18
C PRO C 105 3.52 -43.32 4.75
N LEU C 106 2.72 -44.15 4.09
CA LEU C 106 2.34 -43.92 2.72
C LEU C 106 1.39 -42.74 2.49
N PRO C 107 0.49 -42.48 3.44
CA PRO C 107 -0.39 -41.32 3.27
C PRO C 107 0.43 -40.04 3.37
N LEU C 108 1.29 -39.96 4.38
CA LEU C 108 2.16 -38.80 4.48
C LEU C 108 2.80 -38.50 3.12
N ILE C 109 3.30 -39.53 2.45
CA ILE C 109 3.97 -39.33 1.18
C ILE C 109 3.01 -38.68 0.21
N LYS C 110 1.75 -39.07 0.32
CA LYS C 110 0.71 -38.51 -0.53
C LYS C 110 0.41 -37.08 -0.11
N SER C 111 0.35 -36.84 1.18
CA SER C 111 0.05 -35.48 1.58
C SER C 111 1.14 -34.53 1.12
N TYR C 112 2.40 -34.91 1.35
CA TYR C 112 3.50 -34.04 0.96
C TYR C 112 3.55 -33.83 -0.56
N LEU C 113 3.37 -34.89 -1.34
CA LEU C 113 3.47 -34.75 -2.79
C LEU C 113 2.33 -33.93 -3.33
N PHE C 114 1.24 -33.86 -2.56
CA PHE C 114 0.05 -33.16 -2.99
C PHE C 114 0.24 -31.64 -2.82
N GLN C 115 0.58 -31.25 -1.61
CA GLN C 115 0.85 -29.84 -1.39
C GLN C 115 2.08 -29.37 -2.17
N LEU C 116 3.04 -30.26 -2.38
CA LEU C 116 4.21 -29.87 -3.15
C LEU C 116 3.69 -29.51 -4.53
N LEU C 117 2.68 -30.21 -4.99
CA LEU C 117 2.16 -29.87 -6.29
C LEU C 117 1.26 -28.63 -6.20
N GLN C 118 0.63 -28.43 -5.07
CA GLN C 118 -0.23 -27.29 -5.01
C GLN C 118 0.68 -26.07 -5.18
N GLY C 119 1.84 -26.13 -4.56
CA GLY C 119 2.76 -25.02 -4.65
C GLY C 119 3.37 -24.83 -6.02
N LEU C 120 3.77 -25.95 -6.62
CA LEU C 120 4.44 -25.85 -7.91
C LEU C 120 3.50 -25.29 -8.99
N ALA C 121 2.26 -25.75 -9.00
CA ALA C 121 1.29 -25.28 -10.00
C ALA C 121 1.11 -23.78 -9.86
N PHE C 122 1.08 -23.33 -8.61
CA PHE C 122 0.95 -21.91 -8.36
C PHE C 122 2.12 -21.12 -8.97
N CYS C 123 3.36 -21.61 -8.79
CA CYS C 123 4.53 -20.95 -9.39
C CYS C 123 4.39 -20.96 -10.90
N HIS C 124 4.19 -22.14 -11.46
CA HIS C 124 4.09 -22.27 -12.91
C HIS C 124 3.01 -21.38 -13.51
N SER C 125 1.81 -21.45 -12.92
CA SER C 125 0.71 -20.58 -13.35
C SER C 125 1.18 -19.12 -13.34
N HIS C 126 2.08 -18.80 -12.41
CA HIS C 126 2.54 -17.44 -12.26
C HIS C 126 3.86 -17.16 -12.97
N ARG C 127 4.15 -17.89 -14.04
CA ARG C 127 5.34 -17.61 -14.85
C ARG C 127 6.65 -17.57 -14.05
N VAL C 128 6.84 -18.58 -13.22
CA VAL C 128 8.00 -18.62 -12.34
C VAL C 128 8.56 -20.03 -12.20
N LEU C 129 9.79 -20.24 -12.65
CA LEU C 129 10.42 -21.52 -12.50
C LEU C 129 11.17 -21.56 -11.16
N HIS C 130 11.05 -22.64 -10.39
CA HIS C 130 11.78 -22.70 -9.11
C HIS C 130 13.22 -23.07 -9.39
N ARG C 131 13.40 -24.18 -10.07
CA ARG C 131 14.71 -24.58 -10.52
C ARG C 131 15.68 -25.12 -9.50
N ASP C 132 15.24 -25.37 -8.28
CA ASP C 132 16.15 -25.96 -7.31
C ASP C 132 15.38 -26.78 -6.33
N LEU C 133 14.50 -27.62 -6.84
CA LEU C 133 13.71 -28.43 -5.95
C LEU C 133 14.50 -29.62 -5.51
N LYS C 134 14.73 -29.70 -4.22
CA LYS C 134 15.33 -30.89 -3.64
C LYS C 134 14.89 -30.96 -2.20
N PRO C 135 14.94 -32.14 -1.63
CA PRO C 135 14.47 -32.39 -0.25
C PRO C 135 14.97 -31.36 0.74
N GLN C 136 16.20 -30.90 0.51
CA GLN C 136 16.83 -29.84 1.29
C GLN C 136 16.17 -28.43 1.18
N ASN C 137 15.44 -28.13 0.10
CA ASN C 137 14.76 -26.86 0.00
C ASN C 137 13.24 -26.96 0.17
N LEU C 138 12.78 -27.99 0.86
CA LEU C 138 11.37 -28.15 1.01
C LEU C 138 11.23 -28.24 2.48
N LEU C 139 10.40 -27.36 3.05
CA LEU C 139 10.25 -27.30 4.51
C LEU C 139 8.90 -27.86 4.99
N ILE C 140 8.89 -28.42 6.21
CA ILE C 140 7.70 -29.08 6.77
C ILE C 140 7.49 -28.64 8.19
N ASN C 141 6.25 -28.44 8.58
CA ASN C 141 5.98 -27.98 9.92
C ASN C 141 5.49 -29.13 10.77
N THR C 142 5.13 -28.87 12.02
CA THR C 142 4.72 -29.96 12.89
C THR C 142 3.30 -30.45 12.59
N GLU C 143 2.51 -29.55 12.01
CA GLU C 143 1.09 -29.82 11.72
C GLU C 143 0.74 -30.63 10.48
N GLY C 144 1.73 -31.04 9.69
CA GLY C 144 1.47 -31.85 8.51
C GLY C 144 1.71 -31.13 7.19
N ALA C 145 2.15 -29.88 7.27
CA ALA C 145 2.38 -29.11 6.06
C ALA C 145 3.80 -29.17 5.49
N ILE C 146 3.91 -29.17 4.17
CA ILE C 146 5.22 -29.04 3.53
C ILE C 146 5.17 -27.87 2.55
N LYS C 147 6.26 -27.13 2.46
CA LYS C 147 6.24 -26.01 1.54
C LYS C 147 7.51 -25.91 0.73
N LEU C 148 7.40 -25.21 -0.42
CA LEU C 148 8.56 -24.90 -1.27
C LEU C 148 9.32 -23.78 -0.62
N ALA C 149 10.64 -23.82 -0.68
CA ALA C 149 11.38 -22.69 -0.15
C ALA C 149 12.57 -22.43 -1.07
N ASP C 150 13.54 -21.69 -0.56
CA ASP C 150 14.75 -21.33 -1.27
C ASP C 150 14.61 -20.89 -2.72
N PHE C 151 14.00 -19.74 -2.94
CA PHE C 151 13.79 -19.23 -4.29
C PHE C 151 15.00 -18.54 -4.87
N GLY C 152 16.19 -18.93 -4.39
CA GLY C 152 17.44 -18.28 -4.76
C GLY C 152 17.79 -18.43 -6.22
N LEU C 153 17.59 -19.63 -6.75
CA LEU C 153 17.91 -19.86 -8.15
C LEU C 153 16.69 -19.78 -9.04
N ALA C 154 15.57 -19.33 -8.48
CA ALA C 154 14.31 -19.28 -9.19
C ALA C 154 14.41 -18.28 -10.32
N ARG C 155 13.39 -18.20 -11.18
CA ARG C 155 13.39 -17.24 -12.27
C ARG C 155 12.00 -17.10 -12.90
N ALA C 156 11.69 -15.90 -13.38
CA ALA C 156 10.40 -15.59 -14.00
C ALA C 156 10.45 -15.91 -15.49
N PHE C 157 9.75 -16.96 -15.90
CA PHE C 157 9.80 -17.44 -17.30
C PHE C 157 8.77 -16.87 -18.32
N GLY C 158 9.27 -16.29 -19.41
CA GLY C 158 8.39 -15.72 -20.44
C GLY C 158 7.62 -16.77 -21.27
N VAL C 159 6.80 -16.31 -22.19
CA VAL C 159 6.06 -17.24 -23.05
C VAL C 159 6.03 -16.74 -24.47
N PRO C 160 6.67 -17.50 -25.34
CA PRO C 160 7.35 -18.74 -24.94
C PRO C 160 8.68 -18.49 -24.22
N VAL C 161 9.29 -19.55 -23.67
CA VAL C 161 10.55 -19.43 -22.94
C VAL C 161 11.72 -19.29 -23.90
N ARG C 162 12.74 -18.57 -23.47
CA ARG C 162 13.95 -18.43 -24.26
C ARG C 162 15.09 -19.13 -23.52
N THR C 163 16.31 -18.99 -24.02
CA THR C 163 17.45 -19.60 -23.40
C THR C 163 17.67 -18.96 -22.04
N TYR C 164 17.54 -19.80 -21.02
CA TYR C 164 17.76 -19.39 -19.66
C TYR C 164 19.01 -20.09 -19.12
N TPO C 165 19.78 -19.86 -18.07
CA TPO C 165 21.01 -20.27 -17.39
CB TPO C 165 20.99 -19.77 -15.95
CG2 TPO C 165 22.27 -20.13 -15.21
OG1 TPO C 165 20.88 -18.36 -16.01
P TPO C 165 19.70 -17.64 -15.22
O1P TPO C 165 19.95 -15.97 -15.12
O2P TPO C 165 18.28 -17.92 -16.08
O3P TPO C 165 19.63 -18.37 -13.68
C TPO C 165 21.23 -21.78 -17.48
O TPO C 165 20.07 -22.45 -16.98
N HIS C 166 22.54 -21.89 -17.74
CA HIS C 166 22.40 -23.36 -17.82
C HIS C 166 22.84 -23.99 -16.52
N GLU C 167 23.63 -23.27 -15.74
CA GLU C 167 24.10 -23.80 -14.45
C GLU C 167 22.92 -23.80 -13.47
N VAL C 168 22.10 -24.85 -13.56
CA VAL C 168 20.89 -24.89 -12.78
C VAL C 168 20.47 -26.29 -12.37
N VAL C 169 19.97 -26.39 -11.15
CA VAL C 169 19.42 -27.64 -10.62
C VAL C 169 20.47 -28.62 -10.19
N THR C 170 20.44 -28.95 -8.91
CA THR C 170 21.35 -29.94 -8.37
C THR C 170 21.32 -31.22 -9.23
N LEU C 171 22.50 -31.78 -9.48
CA LEU C 171 22.67 -32.93 -10.35
C LEU C 171 21.61 -34.00 -10.25
N TRP C 172 21.47 -34.61 -9.09
CA TRP C 172 20.53 -35.70 -8.93
C TRP C 172 19.13 -35.32 -9.38
N TYR C 173 18.74 -34.08 -9.17
CA TYR C 173 17.38 -33.72 -9.54
C TYR C 173 17.30 -33.11 -10.90
N ARG C 174 18.40 -33.17 -11.67
CA ARG C 174 18.43 -32.58 -13.01
C ARG C 174 17.71 -33.40 -14.07
N ALA C 175 16.92 -32.73 -14.91
CA ALA C 175 16.17 -33.43 -15.95
C ALA C 175 16.99 -33.58 -17.23
N PRO C 176 16.82 -34.69 -17.93
CA PRO C 176 17.59 -34.97 -19.16
C PRO C 176 17.66 -33.72 -20.04
N GLU C 177 16.51 -33.11 -20.30
CA GLU C 177 16.43 -31.89 -21.10
C GLU C 177 17.57 -30.95 -20.76
N ILE C 178 18.12 -31.09 -19.56
CA ILE C 178 19.21 -30.20 -19.14
C ILE C 178 20.59 -30.82 -19.24
N LEU C 179 20.68 -32.09 -18.87
CA LEU C 179 21.95 -32.78 -18.94
C LEU C 179 22.37 -32.76 -20.40
N LEU C 180 21.39 -33.02 -21.26
CA LEU C 180 21.63 -33.00 -22.69
C LEU C 180 21.72 -31.58 -23.20
N GLY C 181 21.55 -30.62 -22.32
CA GLY C 181 21.64 -29.24 -22.74
C GLY C 181 20.84 -28.91 -23.98
N CYS C 182 19.51 -29.03 -23.86
CA CYS C 182 18.62 -28.55 -24.92
C CYS C 182 18.67 -27.04 -24.91
N LYS C 183 18.49 -26.43 -26.07
CA LYS C 183 18.45 -24.98 -26.21
C LYS C 183 17.52 -24.33 -25.19
N TYR C 184 16.30 -24.88 -25.08
CA TYR C 184 15.28 -24.35 -24.19
C TYR C 184 14.77 -25.37 -23.17
N TYR C 185 13.95 -24.86 -22.23
CA TYR C 185 13.33 -25.66 -21.15
C TYR C 185 12.39 -24.80 -20.26
N SER C 186 11.58 -25.45 -19.44
CA SER C 186 10.71 -24.73 -18.48
C SER C 186 10.14 -25.62 -17.34
N THR C 187 8.84 -25.50 -17.07
CA THR C 187 8.20 -26.20 -15.96
C THR C 187 8.54 -27.71 -15.84
N ALA C 188 8.66 -28.37 -16.98
CA ALA C 188 9.03 -29.76 -17.00
C ALA C 188 10.11 -30.02 -15.96
N VAL C 189 11.17 -29.20 -15.99
CA VAL C 189 12.30 -29.42 -15.09
C VAL C 189 11.88 -29.45 -13.63
N ASP C 190 10.84 -28.71 -13.29
CA ASP C 190 10.37 -28.75 -11.91
C ASP C 190 9.53 -29.98 -11.67
N ILE C 191 8.85 -30.46 -12.67
CA ILE C 191 8.09 -31.67 -12.48
C ILE C 191 9.09 -32.80 -12.23
N TRP C 192 10.11 -32.83 -13.06
CA TRP C 192 11.09 -33.90 -13.01
C TRP C 192 11.63 -34.09 -11.62
N SER C 193 11.91 -32.97 -11.01
CA SER C 193 12.49 -32.92 -9.71
C SER C 193 11.57 -33.58 -8.69
N LEU C 194 10.37 -33.04 -8.58
CA LEU C 194 9.38 -33.62 -7.69
C LEU C 194 9.28 -35.10 -8.07
N GLY C 195 9.41 -35.40 -9.35
CA GLY C 195 9.38 -36.78 -9.76
C GLY C 195 10.40 -37.55 -8.94
N CYS C 196 11.63 -37.07 -9.01
CA CYS C 196 12.70 -37.65 -8.25
C CYS C 196 12.42 -37.66 -6.76
N ILE C 197 11.88 -36.56 -6.25
CA ILE C 197 11.59 -36.44 -4.81
C ILE C 197 10.53 -37.43 -4.38
N PHE C 198 9.53 -37.57 -5.24
CA PHE C 198 8.48 -38.54 -5.03
C PHE C 198 9.07 -39.93 -4.78
N ALA C 199 9.81 -40.44 -5.74
CA ALA C 199 10.40 -41.76 -5.60
C ALA C 199 11.26 -41.86 -4.35
N GLU C 200 11.98 -40.78 -4.05
CA GLU C 200 12.91 -40.76 -2.93
C GLU C 200 12.14 -40.89 -1.63
N MET C 201 10.93 -40.30 -1.57
CA MET C 201 10.13 -40.41 -0.35
C MET C 201 9.72 -41.86 -0.09
N VAL C 202 9.49 -42.62 -1.16
CA VAL C 202 9.12 -44.02 -1.04
C VAL C 202 10.29 -44.90 -0.60
N THR C 203 11.40 -44.74 -1.29
CA THR C 203 12.57 -45.57 -1.04
C THR C 203 13.45 -45.04 0.07
N ARG C 204 13.38 -43.74 0.31
CA ARG C 204 14.24 -43.13 1.31
C ARG C 204 15.71 -43.18 0.86
N ARG C 205 15.94 -42.93 -0.42
CA ARG C 205 17.30 -42.85 -0.92
C ARG C 205 17.23 -42.39 -2.36
N ALA C 206 18.16 -41.54 -2.76
CA ALA C 206 18.09 -40.89 -4.08
C ALA C 206 17.73 -41.82 -5.22
N LEU C 207 17.04 -41.29 -6.21
CA LEU C 207 16.61 -42.06 -7.36
C LEU C 207 17.65 -42.05 -8.48
N PHE C 208 18.47 -41.01 -8.53
CA PHE C 208 19.47 -40.90 -9.60
C PHE C 208 20.75 -40.23 -9.11
N PRO C 209 21.40 -40.83 -8.12
CA PRO C 209 22.60 -40.23 -7.54
C PRO C 209 23.82 -40.32 -8.46
N GLY C 210 23.87 -39.52 -9.50
CA GLY C 210 25.01 -39.53 -10.41
C GLY C 210 26.29 -38.92 -9.86
N ASP C 211 27.43 -39.40 -10.35
CA ASP C 211 28.75 -38.90 -9.93
C ASP C 211 29.23 -37.77 -10.84
N SER C 212 28.50 -37.54 -11.92
CA SER C 212 28.81 -36.48 -12.87
C SER C 212 27.74 -36.49 -13.94
N GLU C 213 27.75 -35.47 -14.79
CA GLU C 213 26.74 -35.33 -15.84
C GLU C 213 26.47 -36.63 -16.56
N ILE C 214 27.53 -37.22 -17.07
CA ILE C 214 27.48 -38.47 -17.81
C ILE C 214 26.90 -39.64 -17.01
N ASP C 215 27.33 -39.83 -15.78
CA ASP C 215 26.93 -41.01 -15.04
C ASP C 215 25.53 -40.83 -14.49
N GLN C 216 25.08 -39.58 -14.55
CA GLN C 216 23.74 -39.24 -14.11
C GLN C 216 22.83 -39.71 -15.22
N LEU C 217 23.20 -39.38 -16.43
CA LEU C 217 22.43 -39.78 -17.59
C LEU C 217 22.35 -41.30 -17.65
N PHE C 218 23.49 -41.95 -17.46
CA PHE C 218 23.52 -43.41 -17.49
C PHE C 218 22.55 -43.98 -16.45
N ARG C 219 22.61 -43.45 -15.23
CA ARG C 219 21.76 -43.93 -14.14
C ARG C 219 20.29 -43.81 -14.46
N ILE C 220 19.96 -42.87 -15.35
CA ILE C 220 18.57 -42.66 -15.75
C ILE C 220 18.19 -43.60 -16.89
N PHE C 221 19.05 -43.73 -17.87
CA PHE C 221 18.75 -44.63 -19.00
C PHE C 221 18.61 -46.09 -18.57
N ARG C 222 19.36 -46.49 -17.55
CA ARG C 222 19.28 -47.86 -17.06
C ARG C 222 18.01 -48.07 -16.27
N THR C 223 17.48 -46.99 -15.71
CA THR C 223 16.29 -47.14 -14.90
C THR C 223 15.02 -46.90 -15.71
N LEU C 224 15.03 -45.83 -16.52
CA LEU C 224 13.88 -45.48 -17.34
C LEU C 224 14.07 -45.93 -18.77
N GLY C 225 15.25 -46.52 -19.02
CA GLY C 225 15.57 -47.05 -20.34
C GLY C 225 15.93 -45.93 -21.28
N THR C 226 17.07 -46.07 -21.95
CA THR C 226 17.54 -45.07 -22.91
C THR C 226 16.41 -44.65 -23.85
N PRO C 227 16.25 -43.34 -24.06
CA PRO C 227 15.17 -42.84 -24.93
C PRO C 227 15.39 -43.04 -26.43
N ASP C 228 14.29 -43.24 -27.15
CA ASP C 228 14.30 -43.35 -28.61
C ASP C 228 13.25 -42.41 -29.22
N GLU C 229 13.28 -42.25 -30.55
CA GLU C 229 12.40 -41.29 -31.23
C GLU C 229 10.91 -41.58 -31.12
N VAL C 230 10.57 -42.77 -30.65
CA VAL C 230 9.19 -43.18 -30.51
C VAL C 230 8.59 -42.67 -29.19
N VAL C 231 9.43 -42.62 -28.16
CA VAL C 231 9.01 -42.14 -26.85
C VAL C 231 9.36 -40.66 -26.63
N TRP C 232 10.29 -40.14 -27.44
CA TRP C 232 10.74 -38.75 -27.30
C TRP C 232 11.31 -38.22 -28.61
N PRO C 233 10.45 -37.66 -29.45
CA PRO C 233 10.89 -37.10 -30.74
C PRO C 233 11.96 -36.02 -30.58
N GLY C 234 13.21 -36.36 -30.90
CA GLY C 234 14.32 -35.42 -30.80
C GLY C 234 15.51 -35.94 -30.00
N VAL C 235 15.33 -37.08 -29.34
CA VAL C 235 16.37 -37.71 -28.53
C VAL C 235 17.77 -37.63 -29.14
N THR C 236 18.01 -38.48 -30.13
CA THR C 236 19.30 -38.57 -30.79
C THR C 236 19.74 -37.23 -31.40
N SER C 237 18.81 -36.28 -31.48
CA SER C 237 19.10 -34.99 -32.08
C SER C 237 19.45 -33.91 -31.07
N MET C 238 19.77 -34.32 -29.84
CA MET C 238 20.14 -33.33 -28.81
C MET C 238 21.67 -33.16 -28.75
N PRO C 239 22.11 -31.92 -28.55
CA PRO C 239 23.54 -31.57 -28.58
C PRO C 239 24.45 -32.60 -27.92
N ASP C 240 24.10 -33.06 -26.72
CA ASP C 240 24.94 -34.01 -26.00
C ASP C 240 24.37 -35.43 -26.05
N VAL C 256 11.91 -50.91 -8.52
CA VAL C 256 12.53 -49.60 -8.31
C VAL C 256 11.76 -48.80 -7.28
N VAL C 257 10.44 -49.03 -7.24
CA VAL C 257 9.58 -48.38 -6.28
C VAL C 257 8.67 -49.45 -5.66
N PRO C 258 9.27 -50.33 -4.86
CA PRO C 258 8.57 -51.48 -4.27
C PRO C 258 7.26 -51.19 -3.52
N PRO C 259 7.27 -50.37 -2.48
CA PRO C 259 6.05 -50.09 -1.71
C PRO C 259 5.05 -49.18 -2.41
N LEU C 260 5.18 -49.00 -3.72
CA LEU C 260 4.27 -48.14 -4.45
C LEU C 260 3.16 -48.92 -5.15
N ASP C 261 1.98 -48.30 -5.26
CA ASP C 261 0.83 -48.96 -5.88
C ASP C 261 0.79 -48.78 -7.40
N GLU C 262 -0.32 -49.22 -8.00
CA GLU C 262 -0.51 -49.16 -9.44
C GLU C 262 -0.61 -47.71 -9.92
N ASP C 263 -1.38 -46.91 -9.21
CA ASP C 263 -1.57 -45.51 -9.57
C ASP C 263 -0.25 -44.74 -9.46
N GLY C 264 0.49 -45.03 -8.38
CA GLY C 264 1.77 -44.39 -8.13
C GLY C 264 2.70 -44.45 -9.32
N ARG C 265 2.92 -45.66 -9.83
CA ARG C 265 3.77 -45.85 -11.00
C ARG C 265 3.31 -44.94 -12.14
N SER C 266 2.00 -44.94 -12.39
CA SER C 266 1.47 -44.14 -13.48
C SER C 266 1.95 -42.70 -13.38
N LEU C 267 1.67 -42.09 -12.23
CA LEU C 267 2.02 -40.69 -11.97
C LEU C 267 3.54 -40.47 -11.93
N LEU C 268 4.26 -41.32 -11.22
CA LEU C 268 5.70 -41.16 -11.16
C LEU C 268 6.27 -41.12 -12.57
N SER C 269 5.93 -42.14 -13.34
CA SER C 269 6.41 -42.30 -14.71
C SER C 269 6.00 -41.15 -15.62
N GLN C 270 4.80 -40.61 -15.41
CA GLN C 270 4.37 -39.50 -16.22
C GLN C 270 5.19 -38.29 -15.88
N MET C 271 5.48 -38.15 -14.59
CA MET C 271 6.30 -37.05 -14.12
C MET C 271 7.72 -37.22 -14.62
N LEU C 272 8.15 -38.46 -14.83
CA LEU C 272 9.51 -38.71 -15.26
C LEU C 272 9.55 -38.99 -16.74
N HIS C 273 8.78 -38.25 -17.51
CA HIS C 273 8.76 -38.51 -18.94
C HIS C 273 9.93 -37.82 -19.62
N TYR C 274 10.57 -38.54 -20.54
CA TYR C 274 11.71 -38.02 -21.25
C TYR C 274 11.31 -36.78 -22.02
N ASP C 275 10.17 -36.85 -22.66
CA ASP C 275 9.71 -35.73 -23.45
C ASP C 275 9.07 -34.74 -22.51
N PRO C 276 9.70 -33.57 -22.41
CA PRO C 276 9.23 -32.47 -21.55
C PRO C 276 7.88 -31.93 -21.98
N ASN C 277 7.48 -32.24 -23.21
CA ASN C 277 6.15 -31.85 -23.64
C ASN C 277 5.20 -32.91 -23.14
N LYS C 278 5.58 -34.15 -23.38
CA LYS C 278 4.78 -35.31 -22.99
C LYS C 278 4.74 -35.46 -21.46
N ARG C 279 5.62 -34.73 -20.79
CA ARG C 279 5.69 -34.77 -19.34
C ARG C 279 4.50 -34.03 -18.80
N ILE C 280 3.94 -34.58 -17.74
CA ILE C 280 2.75 -34.02 -17.11
C ILE C 280 3.01 -32.65 -16.49
N SER C 281 1.97 -31.81 -16.42
CA SER C 281 2.10 -30.51 -15.78
C SER C 281 1.66 -30.66 -14.34
N ALA C 282 2.08 -29.74 -13.48
CA ALA C 282 1.70 -29.83 -12.09
C ALA C 282 0.17 -29.97 -11.94
N LYS C 283 -0.58 -29.17 -12.71
CA LYS C 283 -2.04 -29.17 -12.65
C LYS C 283 -2.58 -30.56 -12.90
N ALA C 284 -2.22 -31.07 -14.05
CA ALA C 284 -2.64 -32.40 -14.44
C ALA C 284 -2.42 -33.33 -13.26
N ALA C 285 -1.19 -33.34 -12.76
CA ALA C 285 -0.77 -34.20 -11.64
C ALA C 285 -1.73 -34.23 -10.46
N LEU C 286 -2.42 -33.14 -10.17
CA LEU C 286 -3.37 -33.16 -9.06
C LEU C 286 -4.53 -34.12 -9.34
N ALA C 287 -5.21 -33.92 -10.46
CA ALA C 287 -6.35 -34.75 -10.83
C ALA C 287 -6.01 -36.24 -10.84
N HIS C 288 -4.72 -36.56 -10.88
CA HIS C 288 -4.32 -37.96 -10.95
C HIS C 288 -4.91 -38.81 -9.85
N PRO C 289 -5.49 -39.93 -10.26
CA PRO C 289 -6.21 -40.84 -9.36
C PRO C 289 -5.40 -41.25 -8.17
N PHE C 290 -4.12 -40.91 -8.13
CA PHE C 290 -3.30 -41.23 -6.97
C PHE C 290 -3.71 -40.36 -5.76
N PHE C 291 -4.26 -39.19 -6.05
CA PHE C 291 -4.62 -38.26 -4.97
C PHE C 291 -6.07 -38.38 -4.48
N GLN C 292 -6.88 -39.06 -5.29
CA GLN C 292 -8.30 -39.21 -5.00
C GLN C 292 -8.60 -39.33 -3.51
N ASP C 293 -7.67 -39.87 -2.75
CA ASP C 293 -7.92 -40.10 -1.33
C ASP C 293 -6.95 -39.38 -0.39
N VAL C 294 -6.26 -38.34 -0.88
CA VAL C 294 -5.26 -37.69 -0.05
C VAL C 294 -5.81 -37.13 1.26
N THR C 295 -4.98 -37.15 2.30
CA THR C 295 -5.32 -36.60 3.61
C THR C 295 -4.24 -35.61 4.12
N LYS C 296 -4.20 -35.43 5.43
CA LYS C 296 -3.27 -34.50 6.07
C LYS C 296 -2.83 -35.01 7.44
N PRO C 297 -2.13 -36.14 7.47
CA PRO C 297 -1.59 -36.69 8.72
C PRO C 297 -0.51 -35.81 9.36
N VAL C 298 0.45 -36.43 10.04
CA VAL C 298 1.53 -35.68 10.68
C VAL C 298 2.89 -36.35 10.40
N VAL D 2 3.86 -24.54 -22.63
CA VAL D 2 2.81 -25.54 -22.25
C VAL D 2 1.44 -24.85 -22.05
N PRO D 3 0.63 -24.87 -23.11
CA PRO D 3 -0.67 -24.18 -23.10
C PRO D 3 -1.42 -24.39 -21.79
N ASP D 4 -1.06 -25.45 -21.06
CA ASP D 4 -1.65 -25.71 -19.77
C ASP D 4 -1.64 -24.37 -19.01
N TYR D 5 -0.48 -23.70 -18.96
CA TYR D 5 -0.36 -22.41 -18.26
C TYR D 5 -0.40 -21.19 -19.17
N HIS D 6 -0.26 -21.38 -20.49
CA HIS D 6 -0.29 -20.24 -21.42
C HIS D 6 -1.37 -19.22 -21.06
N GLU D 7 -2.60 -19.71 -20.94
CA GLU D 7 -3.74 -18.86 -20.63
C GLU D 7 -3.71 -18.38 -19.19
N ASP D 8 -3.59 -19.31 -18.26
CA ASP D 8 -3.61 -18.97 -16.84
C ASP D 8 -2.55 -17.90 -16.53
N ILE D 9 -1.45 -17.94 -17.28
CA ILE D 9 -0.37 -16.98 -17.16
C ILE D 9 -0.78 -15.69 -17.83
N HIS D 10 -1.45 -15.82 -18.97
CA HIS D 10 -1.90 -14.62 -19.66
C HIS D 10 -2.80 -13.80 -18.76
N THR D 11 -3.61 -14.45 -17.94
CA THR D 11 -4.54 -13.70 -17.11
C THR D 11 -3.81 -12.94 -16.01
N TYR D 12 -2.94 -13.64 -15.29
CA TYR D 12 -2.17 -13.03 -14.21
C TYR D 12 -1.53 -11.72 -14.64
N LEU D 13 -0.92 -11.72 -15.82
CA LEU D 13 -0.32 -10.51 -16.36
C LEU D 13 -1.34 -9.37 -16.45
N ARG D 14 -2.45 -9.64 -17.11
CA ARG D 14 -3.50 -8.64 -17.26
C ARG D 14 -3.87 -8.02 -15.91
N GLU D 15 -3.95 -8.89 -14.91
CA GLU D 15 -4.32 -8.48 -13.56
C GLU D 15 -3.22 -7.62 -12.97
N MET D 16 -1.98 -8.06 -13.15
CA MET D 16 -0.82 -7.34 -12.65
C MET D 16 -0.56 -6.07 -13.41
N GLU D 17 -0.66 -6.14 -14.73
CA GLU D 17 -0.35 -4.99 -15.56
C GLU D 17 -1.01 -3.68 -15.15
N VAL D 18 -2.07 -3.75 -14.35
CA VAL D 18 -2.70 -2.51 -13.94
C VAL D 18 -2.07 -1.92 -12.69
N LYS D 19 -1.78 -2.79 -11.73
CA LYS D 19 -1.23 -2.35 -10.46
C LYS D 19 0.13 -1.74 -10.72
N CYS D 20 1.00 -2.49 -11.40
CA CYS D 20 2.32 -1.98 -11.75
C CYS D 20 2.22 -0.87 -12.83
N LYS D 21 1.32 0.07 -12.63
CA LYS D 21 1.14 1.16 -13.59
C LYS D 21 1.35 2.55 -12.99
N PRO D 22 2.32 3.27 -13.53
CA PRO D 22 2.69 4.61 -13.05
C PRO D 22 1.50 5.53 -13.04
N LYS D 23 1.59 6.65 -12.35
CA LYS D 23 0.50 7.59 -12.40
C LYS D 23 0.49 8.31 -13.77
N VAL D 24 -0.46 7.92 -14.61
CA VAL D 24 -0.60 8.44 -15.98
C VAL D 24 0.04 9.81 -16.29
N GLY D 25 -0.26 10.80 -15.45
CA GLY D 25 0.33 12.11 -15.64
C GLY D 25 1.20 12.51 -14.46
N TYR D 26 2.43 12.00 -14.39
CA TYR D 26 3.34 12.33 -13.29
C TYR D 26 4.27 13.48 -13.59
N MET D 27 4.71 13.57 -14.84
CA MET D 27 5.69 14.55 -15.26
C MET D 27 5.28 15.99 -15.00
N LYS D 28 4.00 16.24 -15.11
CA LYS D 28 3.51 17.58 -14.89
C LYS D 28 3.91 17.91 -13.47
N LYS D 29 4.04 16.87 -12.67
CA LYS D 29 4.33 17.00 -11.26
C LYS D 29 5.81 17.13 -10.92
N GLN D 30 6.67 16.67 -11.83
CA GLN D 30 8.10 16.87 -11.63
C GLN D 30 8.43 18.33 -11.95
N PRO D 31 8.92 19.08 -10.96
CA PRO D 31 9.16 20.51 -11.13
C PRO D 31 10.41 20.80 -11.94
N ASP D 32 11.08 19.78 -12.43
CA ASP D 32 12.32 20.11 -13.09
C ASP D 32 12.71 19.21 -14.24
N ILE D 33 11.81 18.34 -14.68
CA ILE D 33 12.07 17.42 -15.79
C ILE D 33 10.79 17.21 -16.63
N THR D 34 10.98 16.80 -17.89
CA THR D 34 9.86 16.69 -18.84
C THR D 34 9.81 15.41 -19.63
N ASN D 35 8.84 15.35 -20.53
CA ASN D 35 8.69 14.17 -21.34
C ASN D 35 9.84 14.07 -22.34
N SER D 36 10.42 15.20 -22.71
CA SER D 36 11.51 15.14 -23.67
C SER D 36 12.74 14.56 -22.99
N MET D 37 12.99 14.97 -21.75
CA MET D 37 14.13 14.46 -20.98
C MET D 37 14.00 12.95 -20.81
N ARG D 38 12.79 12.52 -20.46
CA ARG D 38 12.47 11.13 -20.40
C ARG D 38 12.71 10.54 -21.80
N ALA D 39 12.36 11.26 -22.85
CA ALA D 39 12.56 10.72 -24.20
C ALA D 39 14.03 10.49 -24.53
N ILE D 40 14.89 11.43 -24.14
CA ILE D 40 16.32 11.28 -24.40
C ILE D 40 16.93 10.14 -23.59
N LEU D 41 16.41 9.95 -22.38
CA LEU D 41 16.91 8.94 -21.47
C LEU D 41 16.58 7.57 -22.00
N VAL D 42 15.34 7.41 -22.46
CA VAL D 42 15.02 6.06 -22.87
C VAL D 42 15.81 5.77 -24.13
N ASP D 43 16.15 6.82 -24.87
CA ASP D 43 16.90 6.62 -26.11
C ASP D 43 18.31 6.26 -25.73
N TRP D 44 18.81 6.93 -24.70
CA TRP D 44 20.16 6.63 -24.21
C TRP D 44 20.19 5.22 -23.68
N LEU D 45 19.08 4.74 -23.15
CA LEU D 45 19.07 3.39 -22.60
C LEU D 45 19.09 2.36 -23.70
N VAL D 46 18.55 2.75 -24.84
CA VAL D 46 18.46 1.85 -25.98
C VAL D 46 19.88 1.66 -26.50
N GLU D 47 20.63 2.75 -26.58
CA GLU D 47 22.00 2.60 -27.01
C GLU D 47 22.65 1.56 -26.13
N VAL D 48 22.57 1.80 -24.82
CA VAL D 48 23.18 0.89 -23.87
C VAL D 48 22.80 -0.55 -24.21
N GLY D 49 21.52 -0.82 -24.36
CA GLY D 49 21.06 -2.17 -24.67
C GLY D 49 21.77 -2.82 -25.84
N GLU D 50 22.15 -2.02 -26.83
CA GLU D 50 22.87 -2.55 -27.99
C GLU D 50 24.34 -2.61 -27.70
N GLU D 51 24.89 -1.54 -27.13
CA GLU D 51 26.30 -1.54 -26.82
C GLU D 51 26.65 -2.73 -25.95
N TYR D 52 25.67 -3.27 -25.23
CA TYR D 52 25.93 -4.42 -24.38
C TYR D 52 25.15 -5.67 -24.76
N LYS D 53 24.42 -5.58 -25.88
CA LYS D 53 23.67 -6.70 -26.41
C LYS D 53 22.76 -7.33 -25.32
N LEU D 54 21.91 -6.52 -24.70
CA LEU D 54 21.03 -7.05 -23.70
C LEU D 54 19.69 -7.35 -24.34
N GLN D 55 18.97 -8.29 -23.77
CA GLN D 55 17.61 -8.60 -24.21
C GLN D 55 16.76 -7.35 -24.30
N ASN D 56 15.64 -7.45 -25.01
CA ASN D 56 14.76 -6.31 -25.12
C ASN D 56 13.87 -6.17 -23.89
N GLU D 57 13.62 -7.31 -23.23
CA GLU D 57 12.80 -7.39 -22.01
C GLU D 57 13.46 -6.50 -20.95
N THR D 58 14.80 -6.54 -20.91
CA THR D 58 15.61 -5.72 -20.00
C THR D 58 15.31 -4.24 -20.21
N LEU D 59 15.32 -3.83 -21.45
CA LEU D 59 15.03 -2.45 -21.74
C LEU D 59 13.65 -2.13 -21.19
N HIS D 60 12.68 -2.96 -21.51
CA HIS D 60 11.30 -2.67 -21.12
C HIS D 60 11.17 -2.50 -19.62
N LEU D 61 11.55 -3.54 -18.87
CA LEU D 61 11.48 -3.53 -17.41
C LEU D 61 12.07 -2.24 -16.90
N ALA D 62 13.20 -1.88 -17.48
CA ALA D 62 13.89 -0.65 -17.09
C ALA D 62 13.05 0.60 -17.24
N VAL D 63 12.25 0.72 -18.29
CA VAL D 63 11.41 1.92 -18.41
C VAL D 63 10.25 1.82 -17.38
N ASN D 64 9.73 0.61 -17.20
CA ASN D 64 8.74 0.41 -16.14
C ASN D 64 9.22 0.91 -14.80
N TYR D 65 10.52 0.74 -14.50
CA TYR D 65 11.07 1.13 -13.21
C TYR D 65 11.13 2.63 -13.16
N ILE D 66 11.83 3.21 -14.11
CA ILE D 66 11.95 4.66 -14.14
C ILE D 66 10.62 5.37 -13.98
N ASP D 67 9.60 4.90 -14.67
CA ASP D 67 8.31 5.54 -14.53
C ASP D 67 7.81 5.44 -13.10
N ARG D 68 7.78 4.24 -12.54
CA ARG D 68 7.22 4.09 -11.19
C ARG D 68 8.02 4.91 -10.22
N PHE D 69 9.32 4.96 -10.50
CA PHE D 69 10.23 5.69 -9.67
C PHE D 69 9.90 7.14 -9.76
N LEU D 70 9.86 7.66 -10.97
CA LEU D 70 9.53 9.07 -11.14
C LEU D 70 8.04 9.36 -10.78
N SER D 71 7.19 8.34 -10.75
CA SER D 71 5.80 8.58 -10.34
C SER D 71 5.78 8.93 -8.89
N SER D 72 6.80 8.50 -8.15
CA SER D 72 6.89 8.73 -6.67
C SER D 72 7.94 9.70 -6.09
N MET D 73 9.09 9.88 -6.74
CA MET D 73 10.05 10.85 -6.19
C MET D 73 10.31 11.95 -7.20
N SER D 74 10.60 13.13 -6.69
CA SER D 74 10.94 14.18 -7.59
C SER D 74 12.45 14.13 -7.80
N VAL D 75 12.90 14.18 -9.04
CA VAL D 75 14.32 14.05 -9.35
C VAL D 75 14.82 15.20 -10.21
N LEU D 76 15.82 15.95 -9.75
CA LEU D 76 16.36 17.06 -10.52
C LEU D 76 16.89 16.55 -11.86
N ARG D 77 17.05 17.47 -12.80
CA ARG D 77 17.50 17.12 -14.14
C ARG D 77 18.87 16.41 -14.21
N GLY D 78 19.79 16.70 -13.31
CA GLY D 78 21.11 16.10 -13.38
C GLY D 78 21.23 14.76 -12.67
N LYS D 79 20.10 14.29 -12.14
CA LYS D 79 20.09 13.03 -11.43
C LYS D 79 19.28 12.04 -12.20
N LEU D 80 18.52 12.55 -13.17
CA LEU D 80 17.67 11.69 -13.97
C LEU D 80 18.47 10.54 -14.60
N GLN D 81 19.66 10.82 -15.15
CA GLN D 81 20.42 9.74 -15.76
C GLN D 81 20.86 8.73 -14.72
N LEU D 82 21.17 9.22 -13.53
CA LEU D 82 21.53 8.30 -12.47
C LEU D 82 20.32 7.36 -12.17
N VAL D 83 19.08 7.90 -12.11
CA VAL D 83 17.94 7.04 -11.77
C VAL D 83 17.91 6.02 -12.87
N GLY D 84 18.10 6.52 -14.10
CA GLY D 84 18.12 5.65 -15.27
C GLY D 84 19.21 4.60 -15.29
N THR D 85 20.42 4.93 -14.82
CA THR D 85 21.49 3.98 -14.88
C THR D 85 21.16 2.91 -13.87
N ALA D 86 20.67 3.32 -12.71
CA ALA D 86 20.26 2.35 -11.71
C ALA D 86 19.15 1.43 -12.20
N ALA D 87 18.16 1.97 -12.91
CA ALA D 87 17.10 1.10 -13.38
C ALA D 87 17.70 0.01 -14.26
N MET D 88 18.39 0.42 -15.32
CA MET D 88 18.95 -0.58 -16.24
C MET D 88 19.69 -1.65 -15.48
N LEU D 89 20.66 -1.22 -14.68
CA LEU D 89 21.37 -2.18 -13.89
C LEU D 89 20.30 -3.02 -13.19
N LEU D 90 19.37 -2.38 -12.49
CA LEU D 90 18.35 -3.19 -11.85
C LEU D 90 17.66 -4.25 -12.75
N ALA D 91 17.16 -3.92 -13.94
CA ALA D 91 16.53 -5.00 -14.71
C ALA D 91 17.47 -6.10 -15.17
N SER D 92 18.68 -5.74 -15.60
CA SER D 92 19.71 -6.70 -16.03
C SER D 92 19.96 -7.73 -14.95
N LYS D 93 20.10 -7.27 -13.73
CA LYS D 93 20.30 -8.21 -12.65
C LYS D 93 19.10 -9.14 -12.57
N PHE D 94 17.94 -8.64 -12.99
CA PHE D 94 16.73 -9.45 -12.92
C PHE D 94 16.65 -10.45 -14.06
N GLU D 95 16.64 -9.89 -15.27
CA GLU D 95 16.45 -10.69 -16.48
C GLU D 95 17.65 -11.49 -17.04
N GLU D 96 18.79 -10.85 -17.23
CA GLU D 96 19.92 -11.47 -17.95
C GLU D 96 20.65 -12.62 -17.28
N ILE D 97 21.03 -13.62 -18.05
CA ILE D 97 21.91 -14.66 -17.53
C ILE D 97 23.28 -14.07 -17.21
N TYR D 98 23.76 -13.19 -18.11
CA TYR D 98 25.03 -12.47 -17.89
C TYR D 98 24.88 -10.95 -17.87
N PRO D 99 24.49 -10.40 -16.73
CA PRO D 99 24.34 -8.94 -16.63
C PRO D 99 25.74 -8.34 -16.72
N PRO D 100 25.84 -7.17 -17.30
CA PRO D 100 27.09 -6.45 -17.35
C PRO D 100 27.47 -6.12 -15.92
N GLU D 101 28.77 -6.15 -15.59
CA GLU D 101 29.25 -5.72 -14.29
C GLU D 101 28.81 -4.24 -14.06
N VAL D 102 28.80 -3.82 -12.80
CA VAL D 102 28.42 -2.44 -12.44
C VAL D 102 29.40 -1.41 -13.02
N ALA D 103 30.68 -1.78 -12.96
CA ALA D 103 31.74 -0.93 -13.46
C ALA D 103 31.36 -0.52 -14.86
N GLU D 104 30.82 -1.48 -15.61
CA GLU D 104 30.41 -1.18 -16.98
C GLU D 104 29.27 -0.16 -16.97
N PHE D 105 28.36 -0.26 -16.01
CA PHE D 105 27.28 0.73 -15.92
C PHE D 105 27.81 2.12 -15.63
N VAL D 106 28.84 2.21 -14.78
CA VAL D 106 29.42 3.53 -14.52
C VAL D 106 30.13 4.10 -15.75
N TYR D 107 30.68 3.22 -16.55
CA TYR D 107 31.46 3.62 -17.71
C TYR D 107 30.63 4.38 -18.74
N ILE D 108 29.47 3.83 -19.11
CA ILE D 108 28.57 4.42 -20.13
C ILE D 108 27.98 5.78 -19.76
N THR D 109 27.93 6.11 -18.48
CA THR D 109 27.45 7.41 -18.11
C THR D 109 28.61 8.37 -18.23
N ASP D 110 29.61 7.96 -19.03
CA ASP D 110 30.85 8.70 -19.28
C ASP D 110 31.43 9.39 -18.04
N ASP D 111 31.48 8.62 -16.94
CA ASP D 111 32.08 9.09 -15.70
C ASP D 111 31.40 10.34 -15.14
N THR D 112 30.13 10.50 -15.50
CA THR D 112 29.26 11.56 -15.02
C THR D 112 28.89 11.34 -13.54
N TYR D 113 28.82 10.09 -13.10
CA TYR D 113 28.47 9.74 -11.73
C TYR D 113 29.49 8.75 -11.23
N THR D 114 29.81 8.76 -9.95
CA THR D 114 30.77 7.79 -9.44
C THR D 114 30.09 6.43 -9.31
N LYS D 115 30.85 5.39 -9.02
CA LYS D 115 30.27 4.07 -8.84
C LYS D 115 29.40 4.03 -7.57
N LYS D 116 29.82 4.83 -6.58
CA LYS D 116 29.21 4.82 -5.27
C LYS D 116 27.82 5.40 -5.32
N GLN D 117 27.58 6.29 -6.28
CA GLN D 117 26.26 6.89 -6.40
C GLN D 117 25.34 5.94 -7.14
N VAL D 118 25.90 5.21 -8.08
CA VAL D 118 25.10 4.21 -8.80
C VAL D 118 24.57 3.13 -7.84
N LEU D 119 25.44 2.59 -7.00
CA LEU D 119 25.00 1.52 -6.11
C LEU D 119 23.97 2.02 -5.10
N ARG D 120 24.18 3.25 -4.64
CA ARG D 120 23.32 3.87 -3.68
C ARG D 120 21.95 4.09 -4.26
N MET D 121 21.89 4.42 -5.55
CA MET D 121 20.61 4.64 -6.19
C MET D 121 19.92 3.34 -6.44
N GLU D 122 20.74 2.30 -6.65
CA GLU D 122 20.24 0.95 -6.88
C GLU D 122 19.40 0.47 -5.72
N HIS D 123 19.82 0.88 -4.53
CA HIS D 123 19.12 0.55 -3.30
C HIS D 123 17.90 1.45 -3.09
N LEU D 124 18.05 2.74 -3.35
CA LEU D 124 16.91 3.64 -3.27
C LEU D 124 15.79 3.17 -4.23
N VAL D 125 16.06 3.05 -5.52
CA VAL D 125 15.06 2.47 -6.44
C VAL D 125 14.41 1.18 -5.92
N LEU D 126 15.21 0.28 -5.38
CA LEU D 126 14.65 -0.97 -4.88
C LEU D 126 13.63 -0.72 -3.77
N LYS D 127 13.96 0.19 -2.88
CA LYS D 127 13.13 0.51 -1.75
C LYS D 127 11.88 1.20 -2.28
N VAL D 128 12.12 2.26 -3.03
CA VAL D 128 11.03 2.99 -3.60
C VAL D 128 10.11 2.11 -4.38
N LEU D 129 10.55 0.92 -4.76
CA LEU D 129 9.68 0.03 -5.54
C LEU D 129 9.43 -1.26 -4.77
N THR D 130 9.73 -1.18 -3.48
CA THR D 130 9.49 -2.29 -2.59
C THR D 130 9.76 -3.60 -3.31
N PHE D 131 10.89 -3.66 -3.98
CA PHE D 131 11.31 -4.89 -4.64
C PHE D 131 10.34 -5.45 -5.64
N ASP D 132 9.32 -4.71 -6.03
CA ASP D 132 8.44 -5.33 -7.00
C ASP D 132 8.96 -5.08 -8.39
N LEU D 133 9.72 -6.05 -8.89
CA LEU D 133 10.33 -5.88 -10.22
C LEU D 133 9.68 -6.68 -11.31
N ALA D 134 8.96 -7.73 -10.95
CA ALA D 134 8.48 -8.65 -11.95
C ALA D 134 7.33 -8.05 -12.77
N ALA D 135 7.57 -6.88 -13.35
CA ALA D 135 6.53 -6.17 -14.11
C ALA D 135 6.22 -6.70 -15.50
N PRO D 136 4.94 -6.73 -15.84
CA PRO D 136 4.53 -7.18 -17.15
C PRO D 136 4.96 -6.12 -18.13
N THR D 137 5.35 -6.51 -19.35
CA THR D 137 5.78 -5.59 -20.39
C THR D 137 5.25 -5.98 -21.77
N VAL D 138 5.13 -4.99 -22.65
CA VAL D 138 4.73 -5.21 -24.04
C VAL D 138 5.44 -6.42 -24.63
N ASN D 139 6.76 -6.46 -24.46
CA ASN D 139 7.52 -7.61 -24.93
C ASN D 139 6.90 -8.93 -24.47
N GLN D 140 6.34 -8.96 -23.26
CA GLN D 140 5.77 -10.20 -22.71
C GLN D 140 4.45 -10.56 -23.40
N PHE D 141 3.65 -9.55 -23.70
CA PHE D 141 2.39 -9.78 -24.39
C PHE D 141 2.67 -10.12 -25.88
N LEU D 142 3.53 -9.32 -26.52
CA LEU D 142 3.86 -9.56 -27.91
C LEU D 142 4.33 -10.99 -28.04
N THR D 143 5.21 -11.37 -27.14
CA THR D 143 5.80 -12.68 -27.18
C THR D 143 4.75 -13.77 -27.19
N GLN D 144 3.59 -13.50 -26.62
CA GLN D 144 2.53 -14.51 -26.61
C GLN D 144 1.67 -14.38 -27.86
N TYR D 145 1.66 -13.18 -28.43
CA TYR D 145 0.90 -12.89 -29.64
C TYR D 145 1.54 -13.57 -30.85
N PHE D 146 2.88 -13.53 -30.88
CA PHE D 146 3.64 -14.14 -31.95
C PHE D 146 3.42 -15.64 -32.03
N LEU D 147 2.75 -16.21 -31.03
CA LEU D 147 2.46 -17.65 -31.08
C LEU D 147 1.14 -17.94 -31.81
N HIS D 148 0.43 -16.89 -32.21
CA HIS D 148 -0.87 -17.05 -32.87
C HIS D 148 -0.88 -16.80 -34.38
N GLN D 149 0.31 -16.68 -34.97
CA GLN D 149 0.41 -16.65 -36.41
C GLN D 149 0.46 -18.11 -36.82
N GLN D 150 -0.43 -18.51 -37.71
CA GLN D 150 -0.42 -19.88 -38.19
C GLN D 150 0.89 -20.17 -38.92
N PRO D 151 1.28 -19.25 -39.80
CA PRO D 151 2.54 -19.40 -40.54
C PRO D 151 3.75 -18.93 -39.74
N ALA D 152 3.59 -17.86 -38.96
CA ALA D 152 4.68 -17.27 -38.18
C ALA D 152 5.63 -16.48 -39.07
N ASN D 153 5.86 -15.21 -38.74
CA ASN D 153 6.73 -14.38 -39.57
C ASN D 153 7.84 -13.64 -38.83
N CYS D 154 9.09 -13.97 -39.17
CA CYS D 154 10.26 -13.36 -38.56
C CYS D 154 10.44 -11.94 -39.07
N LYS D 155 9.48 -11.49 -39.87
CA LYS D 155 9.51 -10.11 -40.31
C LYS D 155 8.42 -9.35 -39.55
N VAL D 156 7.23 -9.92 -39.47
CA VAL D 156 6.15 -9.28 -38.73
C VAL D 156 6.57 -9.13 -37.30
N GLU D 157 7.26 -10.15 -36.80
CA GLU D 157 7.77 -10.16 -35.42
C GLU D 157 8.78 -9.03 -35.19
N SER D 158 9.92 -9.09 -35.86
CA SER D 158 10.94 -8.05 -35.69
C SER D 158 10.37 -6.66 -35.96
N LEU D 159 9.16 -6.59 -36.52
CA LEU D 159 8.49 -5.33 -36.78
C LEU D 159 7.66 -4.86 -35.60
N ALA D 160 6.72 -5.68 -35.18
CA ALA D 160 5.86 -5.32 -34.05
C ALA D 160 6.68 -4.79 -32.89
N MET D 161 7.60 -5.62 -32.41
CA MET D 161 8.45 -5.26 -31.30
C MET D 161 8.98 -3.84 -31.41
N PHE D 162 9.37 -3.46 -32.62
CA PHE D 162 9.97 -2.17 -32.84
C PHE D 162 8.95 -1.05 -32.63
N LEU D 163 7.68 -1.34 -32.86
CA LEU D 163 6.67 -0.33 -32.66
C LEU D 163 6.39 -0.24 -31.18
N GLY D 164 6.41 -1.41 -30.53
CA GLY D 164 6.19 -1.48 -29.10
C GLY D 164 7.32 -0.78 -28.38
N GLU D 165 8.52 -0.92 -28.93
CA GLU D 165 9.73 -0.33 -28.37
C GLU D 165 9.76 1.14 -28.76
N LEU D 166 9.09 1.46 -29.86
CA LEU D 166 9.12 2.86 -30.26
C LEU D 166 8.30 3.67 -29.27
N SER D 167 7.44 2.97 -28.53
CA SER D 167 6.48 3.60 -27.62
C SER D 167 7.07 4.02 -26.29
N LEU D 168 8.08 3.28 -25.84
CA LEU D 168 8.77 3.55 -24.58
C LEU D 168 9.29 4.97 -24.58
N ILE D 169 9.75 5.40 -25.74
CA ILE D 169 10.31 6.73 -25.88
C ILE D 169 9.41 7.87 -25.40
N ASP D 170 8.13 7.85 -25.70
CA ASP D 170 7.30 8.99 -25.33
C ASP D 170 6.23 8.74 -24.33
N ALA D 171 6.29 9.50 -23.24
CA ALA D 171 5.32 9.41 -22.15
C ALA D 171 3.97 9.80 -22.72
N ASP D 172 4.05 10.79 -23.60
CA ASP D 172 2.87 11.26 -24.28
C ASP D 172 2.91 10.63 -25.65
N PRO D 173 1.92 9.82 -25.94
CA PRO D 173 0.82 9.55 -25.00
C PRO D 173 0.88 8.16 -24.33
N TYR D 174 1.53 7.22 -25.01
CA TYR D 174 1.60 5.82 -24.59
C TYR D 174 1.48 5.46 -23.11
N LEU D 175 1.85 6.37 -22.22
CA LEU D 175 1.82 6.07 -20.81
C LEU D 175 0.38 5.82 -20.33
N LYS D 176 -0.61 6.24 -21.10
CA LYS D 176 -1.98 6.01 -20.65
C LYS D 176 -2.42 4.60 -20.98
N TYR D 177 -1.82 4.00 -21.99
CA TYR D 177 -2.22 2.67 -22.40
C TYR D 177 -1.57 1.60 -21.54
N LEU D 178 -2.07 0.37 -21.66
CA LEU D 178 -1.49 -0.72 -20.91
C LEU D 178 -0.59 -1.55 -21.81
N PRO D 179 0.39 -2.21 -21.22
CA PRO D 179 1.31 -3.07 -21.96
C PRO D 179 0.60 -4.03 -22.94
N SER D 180 -0.49 -4.63 -22.48
CA SER D 180 -1.26 -5.57 -23.31
C SER D 180 -1.99 -4.86 -24.44
N VAL D 181 -2.39 -3.61 -24.20
CA VAL D 181 -3.08 -2.84 -25.21
C VAL D 181 -2.12 -2.44 -26.30
N ILE D 182 -1.07 -1.71 -25.93
CA ILE D 182 -0.09 -1.30 -26.90
C ILE D 182 0.29 -2.50 -27.71
N ALA D 183 0.63 -3.58 -27.00
CA ALA D 183 1.03 -4.84 -27.61
C ALA D 183 0.11 -5.23 -28.76
N GLY D 184 -1.18 -4.96 -28.59
CA GLY D 184 -2.15 -5.26 -29.64
C GLY D 184 -1.95 -4.38 -30.88
N ALA D 185 -2.00 -3.06 -30.67
CA ALA D 185 -1.76 -2.14 -31.76
C ALA D 185 -0.41 -2.52 -32.38
N ALA D 186 0.47 -3.07 -31.56
CA ALA D 186 1.78 -3.47 -32.06
C ALA D 186 1.70 -4.68 -32.97
N PHE D 187 0.81 -5.61 -32.66
CA PHE D 187 0.71 -6.84 -33.43
C PHE D 187 -0.26 -6.66 -34.58
N HIS D 188 -0.98 -5.54 -34.56
CA HIS D 188 -1.89 -5.23 -35.63
C HIS D 188 -1.15 -4.37 -36.63
N LEU D 189 -0.75 -3.19 -36.20
CA LEU D 189 -0.06 -2.28 -37.09
C LEU D 189 1.15 -2.94 -37.75
N ALA D 190 1.41 -4.21 -37.45
CA ALA D 190 2.55 -4.90 -38.05
C ALA D 190 2.14 -6.03 -38.98
N LEU D 191 1.02 -6.67 -38.65
CA LEU D 191 0.50 -7.74 -39.47
C LEU D 191 -0.18 -7.11 -40.68
N TYR D 192 -0.61 -5.86 -40.50
CA TYR D 192 -1.28 -5.12 -41.56
C TYR D 192 -0.23 -4.61 -42.52
N THR D 193 0.90 -4.21 -41.99
CA THR D 193 1.94 -3.62 -42.81
C THR D 193 2.65 -4.59 -43.75
N VAL D 194 2.49 -5.88 -43.53
CA VAL D 194 3.17 -6.83 -44.42
C VAL D 194 2.26 -7.81 -45.15
N THR D 195 1.47 -8.58 -44.39
CA THR D 195 0.55 -9.53 -45.02
C THR D 195 -0.74 -8.88 -45.52
N GLY D 196 -1.08 -7.74 -44.94
CA GLY D 196 -2.29 -7.04 -45.34
C GLY D 196 -3.48 -7.48 -44.52
N GLN D 197 -3.32 -8.60 -43.81
CA GLN D 197 -4.39 -9.10 -42.96
C GLN D 197 -4.40 -8.33 -41.64
N SER D 198 -5.30 -8.70 -40.74
CA SER D 198 -5.46 -7.97 -39.48
C SER D 198 -5.31 -8.83 -38.23
N TRP D 199 -5.81 -8.32 -37.11
CA TRP D 199 -5.74 -9.00 -35.82
C TRP D 199 -6.71 -10.18 -35.83
N PRO D 200 -6.16 -11.37 -35.66
CA PRO D 200 -6.91 -12.63 -35.73
C PRO D 200 -7.97 -12.78 -34.66
N GLU D 201 -8.88 -13.74 -34.85
CA GLU D 201 -9.93 -14.01 -33.89
C GLU D 201 -9.36 -14.75 -32.69
N SER D 202 -8.43 -15.67 -32.96
CA SER D 202 -7.80 -16.46 -31.90
C SER D 202 -7.35 -15.58 -30.74
N LEU D 203 -6.84 -14.40 -31.06
CA LEU D 203 -6.37 -13.48 -30.06
C LEU D 203 -7.52 -12.72 -29.42
N ILE D 204 -8.57 -12.50 -30.19
CA ILE D 204 -9.72 -11.78 -29.69
C ILE D 204 -10.36 -12.51 -28.52
N ARG D 205 -10.27 -13.83 -28.50
CA ARG D 205 -10.83 -14.61 -27.39
C ARG D 205 -9.85 -14.72 -26.24
N LYS D 206 -8.56 -14.62 -26.57
CA LYS D 206 -7.53 -14.70 -25.54
C LYS D 206 -7.55 -13.42 -24.73
N THR D 207 -7.53 -12.27 -25.41
CA THR D 207 -7.49 -10.98 -24.72
C THR D 207 -8.85 -10.40 -24.40
N GLY D 208 -9.62 -10.16 -25.44
CA GLY D 208 -10.92 -9.52 -25.30
C GLY D 208 -10.82 -8.21 -26.06
N TYR D 209 -9.77 -8.12 -26.88
CA TYR D 209 -9.52 -6.92 -27.67
C TYR D 209 -10.05 -7.04 -29.08
N THR D 210 -10.62 -5.95 -29.57
CA THR D 210 -11.15 -5.89 -30.91
C THR D 210 -10.29 -4.89 -31.65
N LEU D 211 -10.64 -4.58 -32.90
CA LEU D 211 -9.95 -3.50 -33.59
C LEU D 211 -10.63 -2.20 -33.17
N GLU D 212 -11.75 -2.34 -32.47
CA GLU D 212 -12.46 -1.17 -32.00
C GLU D 212 -11.81 -0.71 -30.72
N SER D 213 -11.64 -1.66 -29.80
CA SER D 213 -11.04 -1.38 -28.51
C SER D 213 -9.57 -1.02 -28.66
N LEU D 214 -8.97 -1.54 -29.71
CA LEU D 214 -7.55 -1.31 -29.99
C LEU D 214 -7.34 -0.13 -30.92
N LYS D 215 -8.36 0.69 -31.13
CA LYS D 215 -8.22 1.79 -32.08
C LYS D 215 -7.41 2.98 -31.57
N PRO D 216 -7.87 3.60 -30.50
CA PRO D 216 -7.18 4.78 -29.97
C PRO D 216 -5.67 4.59 -29.89
N CYS D 217 -5.22 3.45 -29.37
CA CYS D 217 -3.79 3.17 -29.29
C CYS D 217 -3.23 2.95 -30.68
N LEU D 218 -4.02 2.31 -31.54
CA LEU D 218 -3.58 2.04 -32.90
C LEU D 218 -3.41 3.32 -33.71
N MET D 219 -4.10 4.38 -33.30
CA MET D 219 -3.98 5.66 -33.98
C MET D 219 -2.59 6.23 -33.73
N ASP D 220 -2.30 6.46 -32.45
CA ASP D 220 -1.01 7.00 -32.03
C ASP D 220 0.15 6.15 -32.52
N LEU D 221 0.07 4.84 -32.30
CA LEU D 221 1.13 3.94 -32.74
C LEU D 221 1.35 4.14 -34.23
N HIS D 222 0.30 4.55 -34.92
CA HIS D 222 0.36 4.76 -36.36
C HIS D 222 1.10 6.06 -36.67
N GLN D 223 0.58 7.18 -36.14
CA GLN D 223 1.25 8.47 -36.29
C GLN D 223 2.73 8.35 -35.95
N THR D 224 3.00 7.79 -34.78
CA THR D 224 4.37 7.59 -34.31
C THR D 224 5.20 6.88 -35.37
N TYR D 225 4.61 5.85 -35.97
CA TYR D 225 5.26 5.05 -36.99
C TYR D 225 5.62 5.93 -38.17
N LEU D 226 4.63 6.64 -38.67
CA LEU D 226 4.79 7.49 -39.86
C LEU D 226 5.73 8.66 -39.59
N LYS D 227 5.77 9.15 -38.36
CA LYS D 227 6.58 10.32 -38.10
C LYS D 227 7.91 9.99 -37.46
N ALA D 228 8.15 8.70 -37.26
CA ALA D 228 9.38 8.25 -36.60
C ALA D 228 10.64 8.95 -37.15
N PRO D 229 10.99 8.65 -38.41
CA PRO D 229 12.23 9.16 -39.01
C PRO D 229 12.46 10.65 -38.76
N GLN D 230 11.42 11.37 -38.35
CA GLN D 230 11.59 12.80 -38.07
C GLN D 230 11.41 13.10 -36.59
N HIS D 231 11.92 12.19 -35.73
CA HIS D 231 11.83 12.35 -34.28
C HIS D 231 13.18 12.77 -33.75
N ALA D 232 13.20 13.38 -32.58
CA ALA D 232 14.45 13.83 -31.96
C ALA D 232 15.31 12.66 -31.49
N GLN D 233 14.70 11.51 -31.29
CA GLN D 233 15.45 10.35 -30.85
C GLN D 233 15.38 9.32 -31.92
N GLN D 234 16.53 8.80 -32.32
CA GLN D 234 16.56 7.89 -33.46
C GLN D 234 17.11 6.51 -33.18
N SER D 235 17.74 6.32 -32.02
CA SER D 235 18.39 5.05 -31.68
C SER D 235 17.59 3.80 -32.04
N ILE D 236 16.28 3.84 -31.85
CA ILE D 236 15.47 2.65 -32.11
C ILE D 236 15.46 2.30 -33.60
N ARG D 237 15.29 3.32 -34.43
CA ARG D 237 15.36 3.07 -35.85
C ARG D 237 16.74 2.53 -36.22
N GLU D 238 17.80 3.22 -35.84
CA GLU D 238 19.14 2.72 -36.18
C GLU D 238 19.35 1.31 -35.66
N LYS D 239 18.47 0.87 -34.75
CA LYS D 239 18.63 -0.44 -34.16
C LYS D 239 18.06 -1.51 -35.04
N TYR D 240 16.80 -1.35 -35.41
CA TYR D 240 16.13 -2.36 -36.24
C TYR D 240 16.45 -2.25 -37.74
N LYS D 241 17.70 -2.59 -38.08
CA LYS D 241 18.17 -2.64 -39.45
C LYS D 241 19.01 -3.90 -39.63
N ASN D 242 19.80 -4.24 -38.62
CA ASN D 242 20.63 -5.43 -38.68
C ASN D 242 19.86 -6.67 -39.14
N SER D 243 20.62 -7.72 -39.47
CA SER D 243 20.06 -8.99 -39.92
C SER D 243 19.31 -9.69 -38.79
N LYS D 244 19.30 -9.09 -37.61
CA LYS D 244 18.63 -9.69 -36.47
C LYS D 244 17.22 -9.14 -36.39
N TYR D 245 17.05 -7.92 -36.86
CA TYR D 245 15.76 -7.26 -36.86
C TYR D 245 15.16 -7.22 -38.27
N HIS D 246 15.95 -7.69 -39.23
CA HIS D 246 15.49 -7.77 -40.62
C HIS D 246 15.05 -6.43 -41.18
N GLY D 247 15.89 -5.42 -40.99
CA GLY D 247 15.61 -4.08 -41.50
C GLY D 247 14.16 -3.63 -41.57
N VAL D 248 13.47 -3.68 -40.44
CA VAL D 248 12.08 -3.26 -40.41
C VAL D 248 11.91 -1.75 -40.24
N SER D 249 12.94 -1.08 -39.74
CA SER D 249 12.83 0.36 -39.55
C SER D 249 13.04 1.12 -40.86
N LEU D 250 13.79 0.50 -41.77
CA LEU D 250 14.11 1.10 -43.07
C LEU D 250 12.92 1.03 -44.03
N LEU D 251 11.91 0.24 -43.63
CA LEU D 251 10.71 0.07 -44.44
C LEU D 251 9.84 1.33 -44.49
N ASN D 252 8.64 1.16 -45.04
CA ASN D 252 7.71 2.27 -45.25
C ASN D 252 6.42 2.09 -44.49
N PRO D 253 5.99 3.12 -43.77
CA PRO D 253 4.77 3.04 -42.99
C PRO D 253 3.55 3.10 -43.90
N PRO D 254 2.50 2.38 -43.53
CA PRO D 254 1.23 2.48 -44.24
C PRO D 254 0.62 3.88 -44.06
N GLU D 255 -0.28 4.25 -44.97
CA GLU D 255 -0.88 5.58 -44.93
C GLU D 255 -2.21 5.59 -44.20
N THR D 256 -2.92 4.47 -44.23
CA THR D 256 -4.22 4.35 -43.57
C THR D 256 -4.51 2.90 -43.13
N LEU D 257 -5.30 2.76 -42.07
CA LEU D 257 -5.56 1.46 -41.48
C LEU D 257 -6.85 0.83 -41.96
N ASN D 258 -7.75 1.64 -42.50
CA ASN D 258 -9.04 1.14 -42.97
C ASN D 258 -9.86 0.51 -41.84
N LEU D 259 -9.80 1.14 -40.67
CA LEU D 259 -10.57 0.68 -39.51
C LEU D 259 -12.07 0.72 -39.78
N PRO E 2 -9.98 -2.46 40.36
CA PRO E 2 -11.29 -2.71 39.73
C PRO E 2 -11.26 -3.81 38.67
N LYS E 3 -12.44 -4.38 38.43
CA LYS E 3 -12.70 -5.35 37.35
C LYS E 3 -11.87 -5.16 36.07
N PRO E 4 -11.63 -3.93 35.68
CA PRO E 4 -10.87 -3.67 34.46
C PRO E 4 -9.49 -4.31 34.55
N LEU E 5 -8.71 -3.88 35.50
CA LEU E 5 -7.36 -4.41 35.61
C LEU E 5 -7.34 -5.92 35.85
N LYS E 6 -6.61 -6.62 34.99
CA LYS E 6 -6.41 -8.05 35.10
C LYS E 6 -5.53 -8.58 34.01
N LYS E 7 -4.74 -9.58 34.34
CA LYS E 7 -3.94 -10.22 33.33
C LYS E 7 -4.88 -11.14 32.59
N LEU E 8 -4.88 -11.03 31.27
CA LEU E 8 -5.73 -11.88 30.46
C LEU E 8 -5.05 -13.19 30.25
N ARG E 9 -5.69 -14.24 30.76
CA ARG E 9 -5.17 -15.60 30.64
C ARG E 9 -5.91 -16.32 29.51
N PHE E 10 -5.14 -16.98 28.65
CA PHE E 10 -5.71 -17.69 27.50
C PHE E 10 -5.41 -19.19 27.43
N ASP E 11 -4.27 -19.62 27.99
CA ASP E 11 -3.90 -21.03 27.98
C ASP E 11 -5.00 -21.91 28.62
#